data_5MQL
#
_entry.id   5MQL
#
_cell.length_a   88.330
_cell.length_b   88.330
_cell.length_c   342.530
_cell.angle_alpha   90.00
_cell.angle_beta   90.00
_cell.angle_gamma   90.00
#
_symmetry.space_group_name_H-M   'P 43 21 2'
#
loop_
_entity.id
_entity.type
_entity.pdbx_description
1 polymer 'Deoxycytidine kinase'
2 non-polymer "URIDINE-5'-DIPHOSPHATE"
3 non-polymer Masitinib
4 non-polymer "2'-DEOXYCYTIDINE-5'-MONOPHOSPHATE"
5 non-polymer 'MAGNESIUM ION'
6 water water
#
_entity_poly.entity_id   1
_entity_poly.type   'polypeptide(L)'
_entity_poly.pdbx_seq_one_letter_code
;MSYYHHHHHHLESTSLYKKAGLENLYFQGMATPPKRSSPSFSASSEGTRIKKISIEGNIAAGKSTFVNILKQLSEDWEVV
PEPVARWSNVQSTQDEFEELTMSQKNGGNVLQMMYEKPERWSFTFQTYACLSRIRAQLASLNGKLKDAEKPVLFFERSVY
SDRYIFASNLYESECMNETEWTIYQDWHDWMNNQFGQSLELDGIIYLQATPETCLHRIYLRGRNEEQGIPLEYLEKLHYK
HESWLLHRTLKTNFDYLQEVPILTLDVNEDFKDKYESLVEKVKEFLSTL
;
_entity_poly.pdbx_strand_id   A,B,C,D
#
loop_
_chem_comp.id
_chem_comp.type
_chem_comp.name
_chem_comp.formula
DCM non-polymer 2'-DEOXYCYTIDINE-5'-MONOPHOSPHATE 'C9 H14 N3 O7 P'
G65 non-polymer Masitinib 'C28 H30 N6 O S'
MG non-polymer 'MAGNESIUM ION' 'Mg 2'
UDP RNA linking URIDINE-5'-DIPHOSPHATE 'C9 H14 N2 O12 P2'
#
# COMPACT_ATOMS: atom_id res chain seq x y z
N THR A 48 5.26 13.94 -0.46
CA THR A 48 5.72 12.55 -0.35
C THR A 48 6.70 12.11 -1.46
N ARG A 49 7.38 10.96 -1.23
CA ARG A 49 8.32 10.28 -2.15
C ARG A 49 7.61 10.00 -3.49
N ILE A 50 6.33 9.59 -3.37
CA ILE A 50 5.36 9.24 -4.40
C ILE A 50 4.92 10.51 -5.14
N LYS A 51 5.20 10.56 -6.45
CA LYS A 51 4.81 11.66 -7.34
C LYS A 51 3.35 11.44 -7.74
N LYS A 52 2.62 12.54 -8.03
CA LYS A 52 1.19 12.48 -8.39
C LYS A 52 0.94 13.10 -9.79
N ILE A 53 0.44 12.31 -10.76
CA ILE A 53 0.16 12.82 -12.12
C ILE A 53 -1.33 12.72 -12.39
N SER A 54 -1.94 13.77 -12.98
CA SER A 54 -3.36 13.84 -13.30
C SER A 54 -3.65 13.45 -14.77
N ILE A 55 -4.53 12.46 -15.06
CA ILE A 55 -4.87 12.12 -16.46
C ILE A 55 -6.19 12.84 -16.83
N GLU A 56 -6.09 14.00 -17.55
CA GLU A 56 -7.22 14.87 -17.94
C GLU A 56 -7.70 14.75 -19.38
N GLY A 57 -8.97 15.05 -19.61
CA GLY A 57 -9.52 15.00 -20.96
C GLY A 57 -11.02 15.09 -21.00
N ASN A 58 -11.58 15.20 -22.21
CA ASN A 58 -13.01 15.30 -22.44
C ASN A 58 -13.69 13.94 -22.21
N ILE A 59 -15.04 13.91 -22.22
CA ILE A 59 -15.86 12.70 -22.04
C ILE A 59 -15.58 11.74 -23.21
N ALA A 60 -15.19 10.49 -22.88
CA ALA A 60 -14.82 9.46 -23.85
C ALA A 60 -13.62 9.84 -24.75
N ALA A 61 -12.68 10.69 -24.23
CA ALA A 61 -11.48 11.07 -24.97
C ALA A 61 -10.47 9.91 -25.06
N GLY A 62 -10.42 9.08 -24.01
CA GLY A 62 -9.54 7.92 -23.94
C GLY A 62 -8.80 7.71 -22.63
N LYS A 63 -9.28 8.36 -21.52
CA LYS A 63 -8.71 8.29 -20.16
C LYS A 63 -8.63 6.86 -19.56
N SER A 64 -9.77 6.13 -19.51
CA SER A 64 -9.81 4.78 -18.98
C SER A 64 -8.96 3.79 -19.77
N THR A 65 -8.96 3.91 -21.13
CA THR A 65 -8.18 3.03 -22.02
C THR A 65 -6.69 3.26 -21.75
N PHE A 66 -6.28 4.52 -21.57
CA PHE A 66 -4.89 4.91 -21.30
C PHE A 66 -4.45 4.48 -19.90
N VAL A 67 -5.28 4.71 -18.88
CA VAL A 67 -4.93 4.35 -17.49
C VAL A 67 -4.80 2.84 -17.34
N ASN A 68 -5.52 2.07 -18.18
CA ASN A 68 -5.41 0.61 -18.20
C ASN A 68 -4.08 0.24 -18.90
N ILE A 69 -3.77 0.87 -20.02
CA ILE A 69 -2.55 0.55 -20.74
C ILE A 69 -1.35 0.80 -19.86
N LEU A 70 -1.49 1.74 -18.97
CA LEU A 70 -0.47 2.10 -17.98
C LEU A 70 -0.46 1.18 -16.76
N LYS A 71 -1.64 0.67 -16.31
CA LYS A 71 -1.74 -0.25 -15.15
C LYS A 71 -0.86 -1.50 -15.38
N GLN A 72 -1.02 -2.12 -16.58
CA GLN A 72 -0.36 -3.31 -17.15
C GLN A 72 1.17 -3.21 -17.23
N LEU A 73 1.67 -2.00 -17.45
CA LEU A 73 3.10 -1.82 -17.58
C LEU A 73 3.82 -2.17 -16.32
N SER A 74 4.96 -2.81 -16.53
CA SER A 74 5.86 -3.28 -15.46
C SER A 74 6.78 -2.16 -14.93
N GLU A 75 6.14 -1.15 -14.31
CA GLU A 75 6.76 0.02 -13.66
C GLU A 75 6.06 0.19 -12.30
N ASP A 76 6.66 0.99 -11.41
CA ASP A 76 6.13 1.26 -10.08
C ASP A 76 5.04 2.36 -10.18
N TRP A 77 4.01 2.10 -11.02
CA TRP A 77 2.90 3.02 -11.26
C TRP A 77 1.60 2.47 -10.75
N GLU A 78 0.89 3.28 -9.94
CA GLU A 78 -0.44 2.92 -9.46
C GLU A 78 -1.44 3.92 -10.04
N VAL A 79 -2.53 3.39 -10.59
CA VAL A 79 -3.58 4.22 -11.17
C VAL A 79 -4.78 4.25 -10.23
N VAL A 80 -5.36 5.44 -10.04
CA VAL A 80 -6.52 5.66 -9.18
C VAL A 80 -7.70 6.17 -10.09
N PRO A 81 -8.70 5.30 -10.39
CA PRO A 81 -9.78 5.71 -11.30
C PRO A 81 -10.71 6.75 -10.72
N GLU A 82 -11.54 7.28 -11.60
CA GLU A 82 -12.54 8.29 -11.28
C GLU A 82 -13.72 7.60 -10.57
N PRO A 83 -14.14 8.11 -9.39
CA PRO A 83 -15.30 7.50 -8.71
C PRO A 83 -16.55 7.57 -9.59
N VAL A 84 -16.71 8.71 -10.32
CA VAL A 84 -17.81 9.00 -11.25
C VAL A 84 -17.80 7.96 -12.42
N ALA A 85 -16.60 7.44 -12.81
CA ALA A 85 -16.47 6.40 -13.84
C ALA A 85 -16.88 5.04 -13.24
N ARG A 86 -16.55 4.82 -11.95
CA ARG A 86 -16.91 3.59 -11.24
C ARG A 86 -18.43 3.50 -11.03
N TRP A 87 -19.14 4.63 -11.12
CA TRP A 87 -20.59 4.67 -11.00
C TRP A 87 -21.29 4.40 -12.33
N SER A 88 -20.50 4.40 -13.42
CA SER A 88 -20.97 4.06 -14.76
C SER A 88 -20.72 2.55 -14.92
N ASN A 89 -21.80 1.74 -14.73
CA ASN A 89 -21.84 0.27 -14.73
C ASN A 89 -23.22 -0.30 -15.17
N THR A 101 -20.74 -2.80 -2.78
CA THR A 101 -20.04 -1.66 -2.21
C THR A 101 -21.00 -0.71 -1.52
N MET A 102 -20.55 -0.09 -0.43
CA MET A 102 -21.41 0.83 0.31
C MET A 102 -21.27 2.26 -0.17
N SER A 103 -20.47 2.47 -1.20
CA SER A 103 -20.25 3.79 -1.75
C SER A 103 -20.70 3.85 -3.19
N GLN A 104 -20.92 2.68 -3.78
CA GLN A 104 -21.37 2.63 -5.17
C GLN A 104 -22.86 2.68 -5.11
N LYS A 105 -23.40 2.04 -4.09
CA LYS A 105 -24.85 2.02 -3.94
C LYS A 105 -25.38 3.43 -4.09
N ASN A 106 -24.81 4.39 -3.33
CA ASN A 106 -25.13 5.81 -3.36
C ASN A 106 -24.77 6.34 -4.70
N GLY A 107 -23.48 6.23 -5.02
CA GLY A 107 -22.84 6.71 -6.25
C GLY A 107 -23.54 6.47 -7.57
N GLY A 108 -24.08 5.27 -7.73
CA GLY A 108 -24.84 4.89 -8.91
C GLY A 108 -26.15 5.67 -8.95
N ASN A 109 -26.90 5.68 -7.80
CA ASN A 109 -28.19 6.35 -7.63
C ASN A 109 -28.13 7.88 -7.85
N VAL A 110 -27.10 8.56 -7.37
CA VAL A 110 -27.01 9.98 -7.65
C VAL A 110 -26.78 10.19 -9.13
N LEU A 111 -25.88 9.40 -9.70
CA LEU A 111 -25.58 9.48 -11.12
C LEU A 111 -26.84 9.21 -11.96
N GLN A 112 -27.70 8.21 -11.57
CA GLN A 112 -28.96 7.89 -12.26
C GLN A 112 -29.94 9.04 -12.07
N MET A 113 -29.91 9.66 -10.87
CA MET A 113 -30.73 10.82 -10.54
C MET A 113 -30.20 12.05 -11.27
N MET A 114 -28.87 12.15 -11.43
CA MET A 114 -28.17 13.23 -12.14
C MET A 114 -28.60 13.24 -13.64
N TYR A 115 -28.78 12.03 -14.23
CA TYR A 115 -29.22 11.81 -15.63
C TYR A 115 -30.66 12.31 -15.77
N GLU A 116 -31.59 11.72 -14.97
CA GLU A 116 -33.00 12.05 -14.94
C GLU A 116 -33.26 13.58 -14.73
N LYS A 117 -33.01 14.13 -13.52
CA LYS A 117 -33.21 15.56 -13.19
C LYS A 117 -31.89 16.30 -12.90
N PRO A 118 -31.19 16.83 -13.91
CA PRO A 118 -29.92 17.54 -13.65
C PRO A 118 -29.98 18.70 -12.65
N GLU A 119 -30.92 19.65 -12.82
CA GLU A 119 -31.10 20.87 -11.99
C GLU A 119 -31.34 20.66 -10.46
N ARG A 120 -31.67 19.43 -10.06
CA ARG A 120 -31.97 19.03 -8.69
C ARG A 120 -30.79 18.31 -8.04
N TRP A 121 -30.07 17.51 -8.85
CA TRP A 121 -29.02 16.66 -8.34
C TRP A 121 -27.63 17.16 -8.59
N SER A 122 -27.46 18.19 -9.41
CA SER A 122 -26.13 18.71 -9.71
C SER A 122 -25.29 19.05 -8.49
N PHE A 123 -25.90 19.61 -7.44
CA PHE A 123 -25.13 19.93 -6.25
C PHE A 123 -24.86 18.70 -5.41
N THR A 124 -25.87 17.86 -5.22
CA THR A 124 -25.76 16.64 -4.43
C THR A 124 -24.63 15.77 -5.04
N PHE A 125 -24.65 15.61 -6.38
CA PHE A 125 -23.71 14.82 -7.17
C PHE A 125 -22.30 15.37 -7.17
N GLN A 126 -22.14 16.67 -7.47
CA GLN A 126 -20.80 17.22 -7.51
C GLN A 126 -20.09 17.19 -6.16
N THR A 127 -20.85 17.24 -5.03
CA THR A 127 -20.24 17.21 -3.70
C THR A 127 -19.87 15.77 -3.36
N TYR A 128 -20.68 14.80 -3.75
CA TYR A 128 -20.36 13.38 -3.50
C TYR A 128 -19.25 12.86 -4.47
N ALA A 129 -18.99 13.60 -5.58
CA ALA A 129 -17.97 13.21 -6.56
C ALA A 129 -16.61 13.55 -6.00
N CYS A 130 -16.49 14.77 -5.49
CA CYS A 130 -15.30 15.34 -4.91
C CYS A 130 -14.97 14.72 -3.57
N LEU A 131 -15.98 14.31 -2.81
CA LEU A 131 -15.70 13.62 -1.55
C LEU A 131 -15.16 12.24 -1.89
N SER A 132 -15.88 11.46 -2.75
CA SER A 132 -15.44 10.11 -3.14
C SER A 132 -14.13 10.13 -3.92
N ARG A 133 -13.74 11.30 -4.49
CA ARG A 133 -12.42 11.44 -5.10
C ARG A 133 -11.39 11.68 -3.99
N ILE A 134 -11.56 12.74 -3.15
CA ILE A 134 -10.60 13.10 -2.08
C ILE A 134 -10.26 11.86 -1.23
N ARG A 135 -11.30 11.16 -0.72
CA ARG A 135 -11.22 9.94 0.09
C ARG A 135 -10.36 8.83 -0.58
N ALA A 136 -10.56 8.65 -1.90
CA ALA A 136 -9.89 7.64 -2.71
C ALA A 136 -8.41 7.92 -2.83
N GLN A 137 -8.07 9.08 -3.45
CA GLN A 137 -6.72 9.55 -3.74
C GLN A 137 -5.80 9.52 -2.52
N LEU A 138 -6.31 9.84 -1.30
CA LEU A 138 -5.57 9.82 -0.03
C LEU A 138 -5.19 8.38 0.37
N ALA A 139 -6.13 7.44 0.14
CA ALA A 139 -5.99 6.01 0.44
C ALA A 139 -5.04 5.32 -0.55
N SER A 140 -4.87 5.92 -1.74
CA SER A 140 -3.98 5.39 -2.76
C SER A 140 -2.55 5.65 -2.36
N LEU A 141 -2.29 6.84 -1.78
CA LEU A 141 -0.98 7.25 -1.28
C LEU A 141 -0.40 6.28 -0.23
N ASN A 142 -1.29 5.51 0.46
CA ASN A 142 -0.91 4.52 1.47
C ASN A 142 -0.73 3.11 0.88
N GLY A 143 -0.83 2.99 -0.45
CA GLY A 143 -0.67 1.75 -1.18
C GLY A 143 0.72 1.16 -1.09
N LYS A 144 1.01 0.12 -1.85
CA LYS A 144 2.33 -0.50 -1.75
C LYS A 144 3.38 0.53 -2.11
N LEU A 145 3.05 1.47 -2.96
CA LEU A 145 4.11 2.26 -3.55
C LEU A 145 5.08 2.83 -2.55
N LYS A 146 4.57 3.28 -1.44
CA LYS A 146 5.46 3.90 -0.45
C LYS A 146 6.85 3.22 -0.38
N ASP A 147 6.87 1.89 -0.09
CA ASP A 147 8.09 1.05 -0.04
C ASP A 147 8.48 0.58 -1.46
N ALA A 148 8.35 1.48 -2.46
CA ALA A 148 8.68 1.26 -3.86
C ALA A 148 9.66 2.32 -4.34
N GLU A 149 10.52 1.93 -5.30
CA GLU A 149 11.63 2.68 -5.90
C GLU A 149 11.24 4.05 -6.48
N LYS A 150 10.64 4.04 -7.67
CA LYS A 150 10.23 5.25 -8.36
C LYS A 150 8.69 5.26 -8.32
N PRO A 151 8.03 5.77 -7.25
CA PRO A 151 6.56 5.70 -7.21
C PRO A 151 5.89 6.84 -7.95
N VAL A 152 4.98 6.50 -8.87
CA VAL A 152 4.14 7.46 -9.62
C VAL A 152 2.74 6.99 -9.41
N LEU A 153 1.83 7.91 -9.08
CA LEU A 153 0.44 7.63 -8.82
C LEU A 153 -0.37 8.44 -9.85
N PHE A 154 -0.96 7.77 -10.87
CA PHE A 154 -1.75 8.50 -11.86
C PHE A 154 -3.25 8.53 -11.48
N PHE A 155 -3.92 9.71 -11.50
CA PHE A 155 -5.37 9.80 -11.18
C PHE A 155 -6.28 10.09 -12.39
N GLU A 156 -7.36 9.26 -12.62
CA GLU A 156 -8.33 9.56 -13.69
C GLU A 156 -9.02 10.81 -13.19
N ARG A 157 -8.65 11.96 -13.83
CA ARG A 157 -9.05 13.36 -13.56
C ARG A 157 -8.49 13.85 -12.23
N SER A 158 -8.96 15.02 -11.77
CA SER A 158 -8.52 15.58 -10.51
C SER A 158 -9.57 16.51 -9.88
N VAL A 159 -9.32 16.92 -8.62
CA VAL A 159 -10.12 17.83 -7.78
C VAL A 159 -10.35 19.19 -8.51
N TYR A 160 -9.36 19.59 -9.36
CA TYR A 160 -9.37 20.82 -10.18
C TYR A 160 -10.29 20.69 -11.37
N SER A 161 -10.31 19.51 -12.00
CA SER A 161 -11.18 19.20 -13.13
C SER A 161 -12.65 19.18 -12.71
N ASP A 162 -12.94 18.78 -11.44
CA ASP A 162 -14.31 18.74 -10.92
C ASP A 162 -14.87 20.16 -10.82
N ARG A 163 -14.30 21.00 -9.96
CA ARG A 163 -14.71 22.39 -9.74
C ARG A 163 -14.68 23.29 -10.99
N TYR A 164 -13.50 23.49 -11.54
CA TYR A 164 -13.28 24.33 -12.71
C TYR A 164 -13.85 23.91 -14.04
N ILE A 165 -13.82 22.64 -14.37
CA ILE A 165 -14.34 22.21 -15.64
C ILE A 165 -15.76 21.68 -15.65
N PHE A 166 -16.08 20.74 -14.77
CA PHE A 166 -17.43 20.20 -14.80
C PHE A 166 -18.47 20.86 -13.95
N ALA A 167 -18.20 21.08 -12.68
CA ALA A 167 -19.19 21.70 -11.84
C ALA A 167 -19.43 23.08 -12.32
N SER A 168 -18.37 23.75 -12.68
CA SER A 168 -18.51 25.12 -13.16
C SER A 168 -19.47 25.18 -14.35
N ASN A 169 -19.21 24.34 -15.37
CA ASN A 169 -20.02 24.16 -16.58
C ASN A 169 -21.46 23.84 -16.19
N LEU A 170 -21.65 23.09 -15.09
CA LEU A 170 -22.95 22.72 -14.56
C LEU A 170 -23.65 23.94 -13.96
N TYR A 171 -22.89 24.81 -13.27
CA TYR A 171 -23.46 26.02 -12.68
C TYR A 171 -23.83 26.98 -13.79
N GLU A 172 -22.96 27.08 -14.81
CA GLU A 172 -23.15 27.89 -16.02
C GLU A 172 -24.42 27.43 -16.78
N SER A 173 -24.64 26.08 -16.85
CA SER A 173 -25.79 25.38 -17.48
C SER A 173 -27.09 25.52 -16.66
N GLU A 174 -27.11 26.40 -15.62
CA GLU A 174 -28.26 26.67 -14.76
C GLU A 174 -28.81 25.39 -14.09
N CYS A 175 -27.89 24.50 -13.63
CA CYS A 175 -28.23 23.24 -12.95
C CYS A 175 -27.93 23.29 -11.45
N MET A 176 -27.07 24.25 -11.06
CA MET A 176 -26.69 24.57 -9.69
C MET A 176 -27.05 26.05 -9.49
N ASN A 177 -27.92 26.39 -8.50
CA ASN A 177 -28.29 27.80 -8.28
C ASN A 177 -27.12 28.63 -7.70
N GLU A 178 -27.36 29.90 -7.33
CA GLU A 178 -26.29 30.75 -6.78
C GLU A 178 -25.89 30.36 -5.36
N THR A 179 -26.88 30.01 -4.49
CA THR A 179 -26.66 29.56 -3.13
C THR A 179 -26.08 28.13 -3.17
N GLU A 180 -26.39 27.34 -4.22
CA GLU A 180 -25.86 25.98 -4.44
C GLU A 180 -24.35 26.08 -4.80
N TRP A 181 -24.01 26.98 -5.73
CA TRP A 181 -22.67 27.21 -6.22
C TRP A 181 -21.78 27.78 -5.14
N THR A 182 -22.28 28.77 -4.38
CA THR A 182 -21.54 29.36 -3.27
C THR A 182 -21.18 28.25 -2.25
N ILE A 183 -22.18 27.41 -1.84
CA ILE A 183 -21.96 26.30 -0.89
C ILE A 183 -20.88 25.34 -1.47
N TYR A 184 -20.99 24.87 -2.76
CA TYR A 184 -19.98 23.99 -3.40
C TYR A 184 -18.61 24.61 -3.38
N GLN A 185 -18.49 25.86 -3.86
CA GLN A 185 -17.20 26.52 -3.91
C GLN A 185 -16.57 26.69 -2.53
N ASP A 186 -17.32 27.21 -1.53
CA ASP A 186 -16.80 27.36 -0.16
C ASP A 186 -16.42 26.00 0.44
N TRP A 187 -17.15 24.94 0.07
CA TRP A 187 -16.88 23.59 0.55
C TRP A 187 -15.59 23.05 -0.04
N HIS A 188 -15.51 22.97 -1.37
CA HIS A 188 -14.36 22.48 -2.13
C HIS A 188 -13.09 23.15 -1.59
N ASP A 189 -13.05 24.51 -1.64
CA ASP A 189 -11.99 25.40 -1.16
C ASP A 189 -11.43 24.89 0.17
N TRP A 190 -12.36 24.59 1.10
CA TRP A 190 -12.06 24.14 2.45
C TRP A 190 -11.49 22.74 2.50
N MET A 191 -12.12 21.78 1.80
CA MET A 191 -11.64 20.41 1.86
C MET A 191 -10.24 20.26 1.24
N ASN A 192 -9.92 21.07 0.21
CA ASN A 192 -8.60 21.06 -0.42
C ASN A 192 -7.56 21.69 0.49
N ASN A 193 -7.91 22.83 1.13
CA ASN A 193 -7.07 23.54 2.10
C ASN A 193 -6.83 22.65 3.34
N GLN A 194 -7.81 21.78 3.72
CA GLN A 194 -7.69 20.92 4.90
C GLN A 194 -7.05 19.55 4.64
N PHE A 195 -6.01 19.51 3.77
CA PHE A 195 -5.21 18.31 3.45
C PHE A 195 -3.72 18.61 3.30
N GLY A 196 -3.41 19.55 2.40
CA GLY A 196 -2.05 20.01 2.14
C GLY A 196 -1.44 19.37 0.93
N GLN A 197 -0.08 19.43 0.87
CA GLN A 197 0.79 18.90 -0.21
C GLN A 197 0.58 17.39 -0.44
N SER A 198 -0.29 16.77 0.40
CA SER A 198 -0.72 15.37 0.37
C SER A 198 -1.25 15.01 -1.02
N LEU A 199 -2.19 15.85 -1.52
CA LEU A 199 -2.85 15.68 -2.81
C LEU A 199 -2.31 16.55 -3.98
N GLU A 200 -1.33 17.44 -3.70
CA GLU A 200 -0.68 18.34 -4.68
C GLU A 200 -0.09 17.57 -5.91
N LEU A 201 -0.50 17.96 -7.15
CA LEU A 201 -0.08 17.34 -8.42
C LEU A 201 1.35 17.73 -8.82
N ASP A 202 2.16 16.75 -9.23
CA ASP A 202 3.54 16.97 -9.66
C ASP A 202 3.66 17.04 -11.22
N GLY A 203 2.53 17.22 -11.88
CA GLY A 203 2.42 17.31 -13.33
C GLY A 203 1.09 16.77 -13.81
N ILE A 204 0.62 17.22 -14.98
CA ILE A 204 -0.66 16.77 -15.53
C ILE A 204 -0.46 16.22 -16.97
N ILE A 205 -1.25 15.21 -17.38
CA ILE A 205 -1.22 14.68 -18.75
C ILE A 205 -2.58 15.00 -19.43
N TYR A 206 -2.60 15.89 -20.45
CA TYR A 206 -3.81 16.28 -21.16
C TYR A 206 -4.06 15.41 -22.42
N LEU A 207 -5.04 14.49 -22.36
CA LEU A 207 -5.43 13.63 -23.50
C LEU A 207 -6.36 14.42 -24.42
N GLN A 208 -5.75 15.26 -25.26
CA GLN A 208 -6.42 16.14 -26.20
C GLN A 208 -7.05 15.35 -27.35
N ALA A 209 -8.33 15.59 -27.59
CA ALA A 209 -9.11 14.97 -28.67
C ALA A 209 -10.21 15.92 -29.09
N THR A 210 -10.44 16.04 -30.42
CA THR A 210 -11.50 16.88 -30.99
C THR A 210 -12.88 16.49 -30.42
N PRO A 211 -13.76 17.43 -30.01
CA PRO A 211 -15.08 17.05 -29.46
C PRO A 211 -15.86 16.02 -30.29
N GLU A 212 -15.55 15.90 -31.60
CA GLU A 212 -16.13 14.93 -32.55
C GLU A 212 -15.65 13.48 -32.33
N THR A 213 -14.36 13.26 -31.95
CA THR A 213 -13.81 11.93 -31.65
C THR A 213 -14.49 11.41 -30.36
N CYS A 214 -14.73 12.33 -29.41
CA CYS A 214 -15.40 12.05 -28.15
C CYS A 214 -16.84 11.62 -28.37
N LEU A 215 -17.57 12.23 -29.33
CA LEU A 215 -18.96 11.87 -29.65
C LEU A 215 -19.05 10.51 -30.37
N HIS A 216 -18.02 10.14 -31.12
CA HIS A 216 -17.98 8.84 -31.77
C HIS A 216 -17.58 7.78 -30.72
N ARG A 217 -16.65 8.11 -29.79
CA ARG A 217 -16.24 7.22 -28.69
C ARG A 217 -17.31 7.10 -27.60
N ILE A 218 -18.22 8.07 -27.52
CA ILE A 218 -19.36 8.00 -26.63
C ILE A 218 -20.33 6.94 -27.15
N TYR A 219 -20.52 6.96 -28.46
CA TYR A 219 -21.30 6.00 -29.22
C TYR A 219 -20.60 4.63 -29.08
N LEU A 220 -19.27 4.57 -29.28
CA LEU A 220 -18.52 3.33 -29.15
C LEU A 220 -18.75 2.67 -27.78
N ARG A 221 -18.53 3.42 -26.67
CA ARG A 221 -18.71 2.98 -25.28
C ARG A 221 -20.10 2.38 -25.04
N GLY A 222 -21.10 2.86 -25.79
CA GLY A 222 -22.45 2.34 -25.80
C GLY A 222 -23.39 2.67 -24.66
N ARG A 223 -22.90 3.38 -23.59
CA ARG A 223 -23.76 3.77 -22.47
C ARG A 223 -24.92 4.56 -23.08
N ASN A 224 -26.14 3.99 -23.02
CA ASN A 224 -27.36 4.56 -23.63
C ASN A 224 -27.79 5.91 -23.02
N GLU A 225 -27.42 6.15 -21.76
CA GLU A 225 -27.69 7.39 -21.03
C GLU A 225 -26.86 8.54 -21.67
N GLU A 226 -25.66 8.17 -22.11
CA GLU A 226 -24.71 9.08 -22.73
C GLU A 226 -24.92 9.29 -24.21
N GLN A 227 -25.77 8.49 -24.84
CA GLN A 227 -26.03 8.62 -26.27
C GLN A 227 -26.67 9.94 -26.62
N GLY A 228 -27.53 10.42 -25.73
CA GLY A 228 -28.19 11.70 -25.85
C GLY A 228 -27.27 12.91 -25.81
N ILE A 229 -26.09 12.79 -25.20
CA ILE A 229 -25.15 13.89 -25.08
C ILE A 229 -24.89 14.43 -26.45
N PRO A 230 -25.06 15.73 -26.58
CA PRO A 230 -24.91 16.43 -27.85
C PRO A 230 -23.53 16.94 -28.07
N LEU A 231 -23.19 17.22 -29.31
CA LEU A 231 -21.85 17.69 -29.64
C LEU A 231 -21.53 19.01 -28.98
N GLU A 232 -22.51 19.90 -28.86
CA GLU A 232 -22.30 21.20 -28.24
C GLU A 232 -21.82 21.07 -26.81
N TYR A 233 -22.33 20.11 -26.05
CA TYR A 233 -21.87 19.92 -24.71
C TYR A 233 -20.39 19.58 -24.73
N LEU A 234 -19.96 18.69 -25.60
CA LEU A 234 -18.55 18.30 -25.62
C LEU A 234 -17.64 19.46 -25.95
N GLU A 235 -18.08 20.21 -26.94
CA GLU A 235 -17.43 21.42 -27.42
C GLU A 235 -17.19 22.35 -26.21
N LYS A 236 -18.29 22.70 -25.48
CA LYS A 236 -18.30 23.54 -24.28
C LYS A 236 -17.31 23.00 -23.24
N LEU A 237 -17.15 21.66 -23.17
CA LEU A 237 -16.17 21.06 -22.26
C LEU A 237 -14.78 21.22 -22.82
N HIS A 238 -14.55 20.75 -24.07
CA HIS A 238 -13.28 20.86 -24.79
C HIS A 238 -12.63 22.23 -24.61
N TYR A 239 -13.40 23.31 -24.87
CA TYR A 239 -12.86 24.67 -24.75
C TYR A 239 -12.43 25.02 -23.31
N LYS A 240 -13.14 24.47 -22.30
CA LYS A 240 -12.83 24.72 -20.89
C LYS A 240 -11.53 24.04 -20.52
N HIS A 241 -11.19 22.94 -21.25
CA HIS A 241 -9.96 22.15 -21.05
C HIS A 241 -8.80 22.94 -21.62
N GLU A 242 -8.88 23.27 -22.92
CA GLU A 242 -7.87 24.02 -23.63
C GLU A 242 -7.51 25.32 -22.90
N SER A 243 -8.51 26.01 -22.31
CA SER A 243 -8.29 27.26 -21.58
C SER A 243 -7.58 27.06 -20.25
N TRP A 244 -7.56 25.85 -19.76
CA TRP A 244 -6.84 25.63 -18.53
C TRP A 244 -5.51 25.01 -18.83
N LEU A 245 -5.56 23.84 -19.46
CA LEU A 245 -4.38 23.07 -19.84
C LEU A 245 -3.47 23.57 -20.96
N LEU A 246 -4.02 24.09 -22.05
CA LEU A 246 -3.18 24.51 -23.15
C LEU A 246 -2.85 25.96 -23.15
N HIS A 247 -3.84 26.81 -23.32
CA HIS A 247 -3.59 28.23 -23.31
C HIS A 247 -3.17 28.64 -21.93
N ARG A 248 -3.80 28.03 -20.96
CA ARG A 248 -3.60 28.29 -19.54
C ARG A 248 -4.08 29.69 -19.11
N THR A 249 -5.19 30.14 -19.73
CA THR A 249 -5.88 31.42 -19.48
C THR A 249 -6.89 31.32 -18.32
N LEU A 250 -7.24 30.08 -17.89
CA LEU A 250 -8.19 29.79 -16.81
C LEU A 250 -7.49 29.92 -15.45
N LYS A 251 -8.04 30.79 -14.57
CA LYS A 251 -7.46 31.11 -13.25
C LYS A 251 -8.18 30.38 -12.08
N THR A 252 -7.51 29.33 -11.57
CA THR A 252 -7.96 28.50 -10.46
C THR A 252 -7.59 29.20 -9.16
N ASN A 253 -8.25 28.83 -8.04
CA ASN A 253 -8.00 29.37 -6.70
C ASN A 253 -6.66 28.88 -6.17
N PHE A 254 -6.30 27.63 -6.50
CA PHE A 254 -5.07 26.98 -6.07
C PHE A 254 -3.93 27.43 -6.97
N ASP A 255 -3.08 28.34 -6.43
CA ASP A 255 -1.95 29.01 -7.09
C ASP A 255 -0.95 28.10 -7.77
N TYR A 256 -0.43 27.10 -7.03
CA TYR A 256 0.59 26.15 -7.46
C TYR A 256 0.40 25.62 -8.88
N LEU A 257 -0.87 25.39 -9.30
CA LEU A 257 -1.21 24.89 -10.64
C LEU A 257 -0.60 25.70 -11.77
N GLN A 258 -0.47 27.05 -11.60
CA GLN A 258 0.11 27.98 -12.60
C GLN A 258 1.43 27.46 -13.16
N GLU A 259 2.37 27.02 -12.28
CA GLU A 259 3.64 26.47 -12.73
C GLU A 259 3.74 24.95 -12.40
N VAL A 260 2.97 24.13 -13.15
CA VAL A 260 2.91 22.66 -13.09
C VAL A 260 3.13 22.14 -14.53
N PRO A 261 4.04 21.16 -14.78
CA PRO A 261 4.23 20.70 -16.17
C PRO A 261 2.98 20.04 -16.73
N ILE A 262 2.77 20.18 -18.04
CA ILE A 262 1.66 19.59 -18.77
C ILE A 262 2.20 18.97 -20.07
N LEU A 263 1.90 17.68 -20.26
CA LEU A 263 2.20 16.91 -21.45
C LEU A 263 0.86 16.84 -22.22
N THR A 264 0.89 17.04 -23.53
CA THR A 264 -0.34 17.04 -24.35
C THR A 264 -0.23 15.94 -25.42
N LEU A 265 -0.94 14.84 -25.18
CA LEU A 265 -0.93 13.68 -26.08
C LEU A 265 -2.17 13.74 -26.99
N ASP A 266 -1.94 13.82 -28.32
CA ASP A 266 -3.04 13.86 -29.27
C ASP A 266 -3.55 12.43 -29.45
N VAL A 267 -4.56 12.10 -28.67
CA VAL A 267 -5.18 10.78 -28.65
C VAL A 267 -6.29 10.64 -29.71
N ASN A 268 -6.23 11.45 -30.79
CA ASN A 268 -7.28 11.44 -31.83
C ASN A 268 -7.37 10.12 -32.56
N GLU A 269 -6.30 9.67 -33.23
CA GLU A 269 -6.39 8.39 -33.90
C GLU A 269 -6.23 7.32 -32.85
N ASP A 270 -7.05 6.26 -32.94
CA ASP A 270 -7.05 5.15 -31.99
C ASP A 270 -5.64 4.79 -31.57
N PHE A 271 -5.38 4.93 -30.29
CA PHE A 271 -4.08 4.63 -29.69
C PHE A 271 -4.19 3.30 -28.92
N LYS A 272 -5.41 2.72 -28.85
CA LYS A 272 -5.77 1.49 -28.13
C LYS A 272 -4.77 0.36 -28.26
N ASP A 273 -4.22 0.16 -29.48
CA ASP A 273 -3.24 -0.89 -29.78
C ASP A 273 -1.88 -0.33 -30.30
N LYS A 274 -1.86 0.94 -30.76
CA LYS A 274 -0.66 1.66 -31.21
C LYS A 274 -0.38 2.72 -30.13
N TYR A 275 0.15 2.25 -28.96
CA TYR A 275 0.38 3.10 -27.79
C TYR A 275 1.83 3.16 -27.25
N GLU A 276 2.80 2.53 -27.91
CA GLU A 276 4.19 2.61 -27.45
C GLU A 276 4.70 4.08 -27.56
N SER A 277 4.26 4.80 -28.61
CA SER A 277 4.59 6.20 -28.91
C SER A 277 4.26 7.17 -27.77
N LEU A 278 3.05 7.04 -27.18
CA LEU A 278 2.58 7.88 -26.08
C LEU A 278 3.37 7.53 -24.84
N VAL A 279 3.37 6.23 -24.47
CA VAL A 279 4.08 5.67 -23.32
C VAL A 279 5.52 6.20 -23.23
N GLU A 280 6.22 6.38 -24.38
CA GLU A 280 7.57 6.96 -24.34
C GLU A 280 7.51 8.47 -23.99
N LYS A 281 6.66 9.27 -24.72
CA LYS A 281 6.48 10.72 -24.50
C LYS A 281 6.01 11.05 -23.09
N VAL A 282 5.51 10.00 -22.37
CA VAL A 282 5.01 9.97 -20.98
C VAL A 282 6.20 9.77 -20.09
N LYS A 283 6.95 8.69 -20.35
CA LYS A 283 8.13 8.30 -19.59
C LYS A 283 9.17 9.44 -19.63
N GLU A 284 9.38 10.07 -20.78
CA GLU A 284 10.30 11.19 -20.78
C GLU A 284 9.73 12.31 -19.94
N PHE A 285 8.45 12.64 -20.13
CA PHE A 285 7.83 13.70 -19.33
C PHE A 285 8.08 13.46 -17.83
N LEU A 286 8.10 12.17 -17.42
CA LEU A 286 8.32 11.80 -16.03
C LEU A 286 9.74 12.14 -15.54
N SER A 287 10.77 12.10 -16.41
CA SER A 287 12.13 12.46 -15.95
C SER A 287 12.20 13.92 -15.53
N THR A 288 11.51 14.80 -16.28
CA THR A 288 11.50 16.25 -16.09
C THR A 288 10.77 16.73 -14.79
N LEU A 289 10.33 15.82 -13.95
CA LEU A 289 9.67 16.21 -12.71
C LEU A 289 10.52 15.90 -11.51
N ILE B 50 -8.95 21.17 27.83
CA ILE B 50 -9.81 22.10 27.10
C ILE B 50 -11.22 21.58 27.10
N LYS B 51 -11.63 21.07 28.24
CA LYS B 51 -12.96 20.45 28.40
C LYS B 51 -14.03 20.99 27.45
N LYS B 52 -14.57 20.08 26.61
CA LYS B 52 -15.60 20.36 25.60
C LYS B 52 -16.97 19.91 26.12
N ILE B 53 -17.89 20.87 26.36
CA ILE B 53 -19.27 20.60 26.82
C ILE B 53 -20.26 20.88 25.70
N SER B 54 -21.28 20.02 25.51
CA SER B 54 -22.34 20.25 24.52
C SER B 54 -23.57 20.86 25.21
N ILE B 55 -24.24 21.84 24.61
CA ILE B 55 -25.49 22.36 25.16
C ILE B 55 -26.56 21.97 24.16
N GLU B 56 -27.36 20.92 24.49
CA GLU B 56 -28.40 20.34 23.62
C GLU B 56 -29.82 20.62 24.07
N GLY B 57 -30.74 20.64 23.12
CA GLY B 57 -32.14 20.93 23.42
C GLY B 57 -32.96 21.24 22.18
N ASN B 58 -34.29 21.44 22.36
CA ASN B 58 -35.22 21.69 21.25
C ASN B 58 -35.08 23.12 20.69
N ILE B 59 -35.75 23.42 19.56
CA ILE B 59 -35.75 24.77 18.98
C ILE B 59 -36.38 25.69 20.06
N ALA B 60 -35.74 26.83 20.37
CA ALA B 60 -36.15 27.83 21.37
C ALA B 60 -36.40 27.26 22.79
N ALA B 61 -35.60 26.26 23.23
CA ALA B 61 -35.72 25.68 24.59
C ALA B 61 -35.03 26.59 25.64
N GLY B 62 -33.96 27.28 25.23
CA GLY B 62 -33.20 28.20 26.07
C GLY B 62 -31.68 28.03 26.04
N LYS B 63 -31.15 27.47 24.92
CA LYS B 63 -29.72 27.20 24.69
C LYS B 63 -28.82 28.42 24.73
N SER B 64 -29.02 29.40 23.87
CA SER B 64 -28.18 30.58 23.91
C SER B 64 -28.34 31.40 25.18
N THR B 65 -29.57 31.57 25.62
CA THR B 65 -29.86 32.37 26.80
C THR B 65 -28.99 31.96 27.99
N PHE B 66 -29.06 30.65 28.32
CA PHE B 66 -28.30 29.96 29.36
C PHE B 66 -26.80 29.91 28.98
N VAL B 67 -26.50 29.73 27.72
CA VAL B 67 -25.12 29.70 27.30
C VAL B 67 -24.47 31.05 27.53
N ASN B 68 -25.19 32.12 27.24
CA ASN B 68 -24.66 33.47 27.40
C ASN B 68 -24.70 33.93 28.84
N ILE B 69 -25.43 33.21 29.74
CA ILE B 69 -25.38 33.56 31.17
C ILE B 69 -24.05 32.99 31.75
N LEU B 70 -23.72 31.78 31.34
CA LEU B 70 -22.48 31.13 31.72
C LEU B 70 -21.24 31.82 31.21
N LYS B 71 -21.28 32.29 29.97
CA LYS B 71 -20.11 32.92 29.37
C LYS B 71 -19.69 34.14 30.15
N GLN B 72 -20.66 34.93 30.56
CA GLN B 72 -20.43 36.11 31.35
C GLN B 72 -19.86 35.78 32.72
N LEU B 73 -20.28 34.65 33.27
CA LEU B 73 -19.91 34.35 34.64
C LEU B 73 -18.45 34.30 34.94
N SER B 74 -17.66 33.71 34.07
CA SER B 74 -16.24 33.62 34.37
C SER B 74 -15.32 33.48 33.20
N GLU B 75 -14.08 33.88 33.43
CA GLU B 75 -13.03 33.68 32.47
C GLU B 75 -12.67 32.18 32.54
N ASP B 76 -12.12 31.71 31.41
CA ASP B 76 -11.75 30.30 31.08
C ASP B 76 -12.98 29.51 30.62
N TRP B 77 -14.11 30.21 30.44
CA TRP B 77 -15.35 29.68 29.96
C TRP B 77 -15.71 30.53 28.76
N GLU B 78 -15.77 29.88 27.61
CA GLU B 78 -16.13 30.45 26.31
C GLU B 78 -17.24 29.61 25.66
N VAL B 79 -17.99 30.24 24.72
CA VAL B 79 -19.09 29.59 24.04
C VAL B 79 -18.86 29.57 22.52
N VAL B 80 -19.15 28.43 21.87
CA VAL B 80 -19.03 28.22 20.42
C VAL B 80 -20.46 28.15 19.86
N PRO B 81 -21.11 29.31 19.59
CA PRO B 81 -22.51 29.28 19.12
C PRO B 81 -22.79 28.50 17.84
N GLU B 82 -24.08 28.20 17.66
CA GLU B 82 -24.59 27.52 16.49
C GLU B 82 -24.63 28.61 15.46
N PRO B 83 -23.93 28.42 14.33
CA PRO B 83 -23.88 29.49 13.31
C PRO B 83 -25.20 29.64 12.53
N VAL B 84 -26.29 30.01 13.22
CA VAL B 84 -27.62 30.13 12.62
C VAL B 84 -27.86 31.57 12.07
N ALA B 85 -26.80 32.04 11.41
CA ALA B 85 -26.72 33.35 10.77
C ALA B 85 -25.74 33.28 9.60
N ARG B 86 -25.03 32.16 9.55
CA ARG B 86 -24.04 31.75 8.54
C ARG B 86 -24.86 30.92 7.54
N TRP B 87 -25.93 30.33 8.07
CA TRP B 87 -26.91 29.60 7.31
C TRP B 87 -27.86 30.67 6.75
N SER B 88 -28.26 31.65 7.61
CA SER B 88 -29.15 32.77 7.25
C SER B 88 -28.62 33.68 6.06
N ASN B 89 -27.26 33.85 5.91
CA ASN B 89 -26.67 34.67 4.84
C ASN B 89 -25.43 33.99 4.21
N VAL B 90 -25.69 32.97 3.37
CA VAL B 90 -24.69 32.15 2.70
C VAL B 90 -23.80 33.02 1.82
N GLN B 91 -22.50 33.03 2.19
CA GLN B 91 -21.37 33.72 1.56
C GLN B 91 -20.18 32.72 1.52
N SER B 92 -18.96 33.17 1.19
CA SER B 92 -17.79 32.28 1.13
C SER B 92 -16.72 32.58 2.20
N THR B 93 -16.71 31.77 3.30
CA THR B 93 -15.76 31.89 4.42
C THR B 93 -14.40 31.29 4.08
N GLY B 107 -27.57 37.61 0.11
CA GLY B 107 -28.70 36.75 0.39
C GLY B 107 -28.33 35.29 0.69
N GLY B 108 -29.02 34.37 0.02
CA GLY B 108 -28.83 32.93 0.16
C GLY B 108 -29.11 32.47 1.57
N ASN B 109 -30.39 32.46 1.95
CA ASN B 109 -30.87 32.06 3.28
C ASN B 109 -31.19 30.57 3.21
N VAL B 110 -30.14 29.71 3.23
CA VAL B 110 -30.25 28.24 3.14
C VAL B 110 -31.15 27.65 4.27
N LEU B 111 -31.39 28.42 5.35
CA LEU B 111 -32.29 28.05 6.45
C LEU B 111 -33.74 28.29 6.02
N GLN B 112 -34.00 29.42 5.29
CA GLN B 112 -35.35 29.75 4.81
C GLN B 112 -35.76 28.82 3.68
N MET B 113 -34.87 28.64 2.65
CA MET B 113 -35.11 27.76 1.48
C MET B 113 -35.44 26.35 1.96
N MET B 114 -34.82 25.93 3.08
CA MET B 114 -35.02 24.62 3.69
C MET B 114 -36.44 24.51 4.26
N TYR B 115 -36.88 25.50 5.08
CA TYR B 115 -38.24 25.52 5.65
C TYR B 115 -39.30 25.77 4.56
N GLU B 116 -38.90 26.46 3.45
CA GLU B 116 -39.71 26.75 2.28
C GLU B 116 -40.14 25.41 1.66
N LYS B 117 -39.16 24.61 1.18
CA LYS B 117 -39.35 23.32 0.53
C LYS B 117 -38.27 22.33 0.96
N PRO B 118 -38.47 21.57 2.06
CA PRO B 118 -37.44 20.62 2.53
C PRO B 118 -37.17 19.41 1.63
N GLU B 119 -38.16 19.01 0.79
CA GLU B 119 -38.06 17.88 -0.14
C GLU B 119 -36.95 18.14 -1.15
N ARG B 120 -36.58 19.43 -1.28
CA ARG B 120 -35.59 19.98 -2.19
C ARG B 120 -34.34 20.51 -1.50
N TRP B 121 -34.44 20.98 -0.24
CA TRP B 121 -33.25 21.58 0.36
C TRP B 121 -32.66 20.95 1.63
N SER B 122 -33.35 19.98 2.27
CA SER B 122 -32.85 19.34 3.50
C SER B 122 -31.42 18.77 3.42
N PHE B 123 -31.05 18.05 2.30
CA PHE B 123 -29.69 17.52 2.12
C PHE B 123 -28.70 18.69 2.04
N THR B 124 -28.94 19.61 1.09
CA THR B 124 -28.13 20.82 0.88
C THR B 124 -27.93 21.58 2.19
N PHE B 125 -28.96 21.62 3.05
CA PHE B 125 -28.88 22.30 4.32
C PHE B 125 -28.05 21.55 5.36
N GLN B 126 -28.54 20.40 5.91
CA GLN B 126 -27.84 19.63 6.95
C GLN B 126 -26.33 19.49 6.72
N THR B 127 -25.90 19.33 5.44
CA THR B 127 -24.50 19.24 5.04
C THR B 127 -23.80 20.57 5.34
N TYR B 128 -24.32 21.71 4.81
CA TYR B 128 -23.72 23.01 5.07
C TYR B 128 -23.80 23.37 6.54
N ALA B 129 -24.89 22.97 7.25
CA ALA B 129 -25.03 23.24 8.69
C ALA B 129 -23.93 22.53 9.48
N CYS B 130 -23.69 21.24 9.16
CA CYS B 130 -22.68 20.40 9.79
C CYS B 130 -21.24 20.86 9.46
N LEU B 131 -20.91 21.07 8.18
CA LEU B 131 -19.56 21.54 7.79
C LEU B 131 -19.22 22.92 8.38
N SER B 132 -20.20 23.85 8.49
CA SER B 132 -19.97 25.18 9.08
C SER B 132 -19.66 25.05 10.59
N ARG B 133 -20.32 24.07 11.27
CA ARG B 133 -20.11 23.77 12.69
C ARG B 133 -18.68 23.25 12.83
N ILE B 134 -18.36 22.03 12.31
CA ILE B 134 -17.01 21.42 12.34
C ILE B 134 -15.93 22.49 12.21
N ARG B 135 -16.13 23.42 11.26
CA ARG B 135 -15.27 24.57 10.94
C ARG B 135 -15.06 25.52 12.14
N ALA B 136 -16.16 26.07 12.70
CA ALA B 136 -16.15 27.01 13.82
C ALA B 136 -15.85 26.33 15.15
N GLN B 137 -16.29 25.09 15.32
CA GLN B 137 -15.95 24.36 16.52
C GLN B 137 -14.45 24.05 16.60
N LEU B 138 -13.85 23.61 15.51
CA LEU B 138 -12.40 23.33 15.44
C LEU B 138 -11.60 24.60 15.65
N ALA B 139 -12.08 25.71 15.08
CA ALA B 139 -11.47 27.03 15.17
C ALA B 139 -11.39 27.54 16.60
N SER B 140 -12.44 27.25 17.39
CA SER B 140 -12.55 27.62 18.79
C SER B 140 -11.55 26.89 19.69
N LEU B 141 -11.16 25.65 19.32
CA LEU B 141 -10.15 24.86 20.07
C LEU B 141 -8.76 25.50 19.95
N ASN B 142 -8.53 26.27 18.88
CA ASN B 142 -7.29 27.02 18.63
C ASN B 142 -7.43 28.48 19.16
N GLY B 143 -8.39 28.67 20.07
CA GLY B 143 -8.68 29.95 20.68
C GLY B 143 -7.71 30.33 21.77
N LYS B 144 -8.09 31.30 22.59
CA LYS B 144 -7.24 31.78 23.69
C LYS B 144 -7.53 31.04 24.98
N LEU B 145 -8.56 30.16 24.96
CA LEU B 145 -8.97 29.37 26.12
C LEU B 145 -7.84 28.48 26.64
N LYS B 146 -7.06 27.85 25.71
CA LYS B 146 -5.92 26.98 26.01
C LYS B 146 -4.93 27.63 27.00
N ASP B 147 -4.78 28.98 26.94
CA ASP B 147 -3.87 29.81 27.74
C ASP B 147 -4.30 30.09 29.21
N ALA B 148 -5.51 29.62 29.63
CA ALA B 148 -6.00 29.84 31.01
C ALA B 148 -6.31 28.54 31.77
N GLU B 149 -6.28 28.61 33.11
CA GLU B 149 -6.59 27.49 34.02
C GLU B 149 -8.09 27.18 33.93
N LYS B 150 -8.49 25.91 34.14
CA LYS B 150 -9.89 25.43 34.04
C LYS B 150 -10.57 25.90 32.69
N PRO B 151 -10.00 25.63 31.49
CA PRO B 151 -10.69 26.06 30.26
C PRO B 151 -11.84 25.11 29.89
N VAL B 152 -13.09 25.62 29.93
CA VAL B 152 -14.29 24.85 29.59
C VAL B 152 -15.07 25.57 28.48
N LEU B 153 -14.93 25.02 27.26
CA LEU B 153 -15.56 25.48 26.04
C LEU B 153 -16.92 24.81 25.96
N PHE B 154 -17.97 25.62 25.68
CA PHE B 154 -19.38 25.22 25.58
C PHE B 154 -19.91 25.30 24.14
N PHE B 155 -20.19 24.15 23.51
CA PHE B 155 -20.70 24.08 22.14
C PHE B 155 -22.22 24.17 22.11
N GLU B 156 -22.78 25.12 21.33
CA GLU B 156 -24.23 25.21 21.18
C GLU B 156 -24.56 24.13 20.16
N ARG B 157 -25.16 23.01 20.65
CA ARG B 157 -25.46 21.77 19.90
C ARG B 157 -24.16 21.11 19.41
N SER B 158 -24.25 19.93 18.76
CA SER B 158 -23.06 19.20 18.31
C SER B 158 -23.24 18.62 16.92
N VAL B 159 -22.23 17.86 16.43
CA VAL B 159 -22.32 17.12 15.17
C VAL B 159 -23.18 15.87 15.35
N TYR B 160 -23.32 15.35 16.59
CA TYR B 160 -24.17 14.20 16.92
C TYR B 160 -25.64 14.63 16.83
N SER B 161 -25.92 15.89 17.21
CA SER B 161 -27.22 16.56 17.15
C SER B 161 -27.67 16.78 15.70
N ASP B 162 -26.74 17.19 14.82
CA ASP B 162 -26.98 17.44 13.40
C ASP B 162 -27.26 16.16 12.63
N ARG B 163 -26.96 15.00 13.19
CA ARG B 163 -27.25 13.80 12.45
C ARG B 163 -28.30 12.93 13.07
N TYR B 164 -28.15 12.67 14.35
CA TYR B 164 -29.08 11.81 15.08
C TYR B 164 -30.41 12.46 15.41
N ILE B 165 -30.54 13.79 15.32
CA ILE B 165 -31.82 14.45 15.59
C ILE B 165 -32.37 15.06 14.30
N PHE B 166 -31.76 16.16 13.79
CA PHE B 166 -32.29 16.93 12.66
C PHE B 166 -32.26 16.26 11.32
N ALA B 167 -31.09 15.73 10.86
CA ALA B 167 -31.01 15.08 9.55
C ALA B 167 -31.84 13.82 9.59
N SER B 168 -31.68 13.01 10.67
CA SER B 168 -32.40 11.75 10.91
C SER B 168 -33.87 11.97 10.85
N ASN B 169 -34.38 13.04 11.51
CA ASN B 169 -35.80 13.37 11.50
C ASN B 169 -36.27 13.70 10.07
N LEU B 170 -35.49 14.53 9.33
CA LEU B 170 -35.79 14.91 7.94
C LEU B 170 -35.85 13.69 7.02
N TYR B 171 -34.96 12.71 7.23
CA TYR B 171 -34.99 11.50 6.42
C TYR B 171 -36.26 10.74 6.73
N GLU B 172 -36.60 10.64 8.02
CA GLU B 172 -37.80 9.96 8.52
C GLU B 172 -39.09 10.64 8.04
N SER B 173 -39.04 11.97 7.81
CA SER B 173 -40.14 12.81 7.34
C SER B 173 -40.16 12.96 5.80
N GLU B 174 -39.58 11.99 5.07
CA GLU B 174 -39.56 11.93 3.60
C GLU B 174 -38.79 13.09 2.88
N CYS B 175 -38.30 14.13 3.60
CA CYS B 175 -37.57 15.29 3.04
C CYS B 175 -36.23 14.95 2.34
N MET B 176 -35.61 13.85 2.80
CA MET B 176 -34.39 13.30 2.25
C MET B 176 -34.72 11.92 1.76
N ASN B 177 -34.52 11.65 0.45
CA ASN B 177 -34.74 10.29 -0.05
C ASN B 177 -33.54 9.47 0.42
N GLU B 178 -33.64 8.12 0.43
CA GLU B 178 -32.59 7.24 0.96
C GLU B 178 -31.17 7.55 0.45
N THR B 179 -31.03 7.81 -0.86
CA THR B 179 -29.77 8.19 -1.51
C THR B 179 -29.19 9.41 -0.81
N GLU B 180 -30.00 10.48 -0.59
CA GLU B 180 -29.55 11.70 0.11
C GLU B 180 -29.03 11.33 1.53
N TRP B 181 -29.83 10.55 2.27
CA TRP B 181 -29.55 10.11 3.64
C TRP B 181 -28.27 9.31 3.74
N THR B 182 -28.09 8.35 2.82
CA THR B 182 -26.91 7.50 2.79
C THR B 182 -25.68 8.32 2.47
N ILE B 183 -25.83 9.31 1.56
CA ILE B 183 -24.73 10.20 1.21
C ILE B 183 -24.37 11.05 2.43
N TYR B 184 -25.40 11.58 3.17
CA TYR B 184 -25.19 12.37 4.39
C TYR B 184 -24.43 11.55 5.45
N GLN B 185 -24.87 10.30 5.69
CA GLN B 185 -24.18 9.47 6.66
C GLN B 185 -22.74 9.19 6.20
N ASP B 186 -22.57 8.79 4.92
CA ASP B 186 -21.26 8.51 4.34
C ASP B 186 -20.33 9.68 4.61
N TRP B 187 -20.81 10.90 4.34
CA TRP B 187 -20.08 12.16 4.50
C TRP B 187 -19.79 12.48 5.97
N HIS B 188 -20.84 12.54 6.81
CA HIS B 188 -20.74 12.85 8.24
C HIS B 188 -19.85 11.85 8.98
N ASP B 189 -19.80 10.58 8.51
CA ASP B 189 -18.98 9.54 9.11
C ASP B 189 -17.51 9.84 8.83
N TRP B 190 -17.18 10.10 7.54
CA TRP B 190 -15.83 10.40 7.06
C TRP B 190 -15.33 11.75 7.56
N MET B 191 -16.24 12.71 7.77
CA MET B 191 -15.91 14.05 8.28
C MET B 191 -15.43 13.93 9.72
N ASN B 192 -16.21 13.23 10.55
CA ASN B 192 -15.90 13.02 11.94
C ASN B 192 -14.70 12.10 12.15
N ASN B 193 -14.50 11.12 11.26
CA ASN B 193 -13.33 10.26 11.37
C ASN B 193 -12.05 11.07 11.10
N GLN B 194 -12.02 11.81 9.98
CA GLN B 194 -10.85 12.60 9.57
C GLN B 194 -10.65 13.92 10.37
N PHE B 195 -11.47 14.98 10.10
CA PHE B 195 -11.36 16.34 10.68
C PHE B 195 -11.84 16.52 12.13
N GLY B 196 -12.91 15.82 12.51
CA GLY B 196 -13.47 15.91 13.86
C GLY B 196 -12.96 14.91 14.87
N GLN B 197 -11.70 14.42 14.72
CA GLN B 197 -11.09 13.44 15.61
C GLN B 197 -10.78 14.00 17.03
N SER B 198 -10.89 15.35 17.18
CA SER B 198 -10.64 16.15 18.38
C SER B 198 -11.90 16.78 19.02
N LEU B 199 -13.01 16.83 18.29
CA LEU B 199 -14.25 17.42 18.78
C LEU B 199 -15.04 16.52 19.75
N GLU B 200 -14.43 15.42 20.23
CA GLU B 200 -15.08 14.45 21.13
C GLU B 200 -15.45 15.06 22.46
N LEU B 201 -16.77 15.05 22.77
CA LEU B 201 -17.38 15.65 23.96
C LEU B 201 -16.94 15.04 25.29
N ASP B 202 -16.86 15.91 26.31
CA ASP B 202 -16.48 15.56 27.67
C ASP B 202 -17.69 15.51 28.62
N GLY B 203 -18.82 16.10 28.18
CA GLY B 203 -20.08 16.14 28.92
C GLY B 203 -21.14 16.95 28.20
N ILE B 204 -22.42 16.48 28.22
CA ILE B 204 -23.57 17.12 27.55
C ILE B 204 -24.58 17.68 28.57
N ILE B 205 -25.04 18.94 28.39
CA ILE B 205 -26.07 19.57 29.23
C ILE B 205 -27.34 19.55 28.39
N TYR B 206 -28.39 18.87 28.87
CA TYR B 206 -29.67 18.78 28.17
C TYR B 206 -30.63 19.84 28.74
N LEU B 207 -31.10 20.78 27.88
CA LEU B 207 -32.06 21.80 28.30
C LEU B 207 -33.44 21.26 27.86
N GLN B 208 -34.06 20.48 28.77
CA GLN B 208 -35.33 19.75 28.66
C GLN B 208 -36.49 20.69 28.87
N ALA B 209 -37.27 20.84 27.82
CA ALA B 209 -38.44 21.69 27.80
C ALA B 209 -39.46 21.05 26.90
N THR B 210 -40.73 21.10 27.31
CA THR B 210 -41.85 20.55 26.54
C THR B 210 -41.84 21.07 25.08
N PRO B 211 -42.35 20.35 24.06
CA PRO B 211 -42.46 20.95 22.72
C PRO B 211 -43.45 22.14 22.71
N GLU B 212 -44.38 22.21 23.70
CA GLU B 212 -45.33 23.30 23.84
C GLU B 212 -44.67 24.60 24.23
N THR B 213 -43.74 24.55 25.22
CA THR B 213 -42.93 25.67 25.74
C THR B 213 -42.09 26.27 24.62
N CYS B 214 -41.42 25.39 23.82
CA CYS B 214 -40.59 25.72 22.68
C CYS B 214 -41.39 26.48 21.65
N LEU B 215 -42.61 25.98 21.35
CA LEU B 215 -43.55 26.62 20.43
C LEU B 215 -43.98 28.02 20.90
N HIS B 216 -43.97 28.24 22.23
CA HIS B 216 -44.27 29.55 22.79
C HIS B 216 -43.03 30.43 22.75
N ARG B 217 -41.84 29.85 22.98
CA ARG B 217 -40.59 30.61 22.93
C ARG B 217 -40.19 31.00 21.50
N ILE B 218 -40.57 30.17 20.51
CA ILE B 218 -40.34 30.36 19.08
C ILE B 218 -41.07 31.63 18.65
N TYR B 219 -42.31 31.83 19.19
CA TYR B 219 -43.17 32.99 18.95
C TYR B 219 -42.61 34.26 19.65
N LEU B 220 -42.10 34.10 20.89
CA LEU B 220 -41.46 35.15 21.69
C LEU B 220 -40.26 35.70 20.93
N ARG B 221 -39.47 34.78 20.32
CA ARG B 221 -38.28 35.03 19.51
C ARG B 221 -38.65 35.81 18.26
N GLY B 222 -39.73 35.42 17.60
CA GLY B 222 -40.21 36.10 16.40
C GLY B 222 -39.36 35.92 15.15
N ARG B 223 -38.48 34.89 15.17
CA ARG B 223 -37.63 34.54 14.03
C ARG B 223 -38.60 34.06 12.95
N ASN B 224 -38.74 34.82 11.87
CA ASN B 224 -39.68 34.56 10.78
C ASN B 224 -39.38 33.27 10.00
N GLU B 225 -38.07 32.91 9.83
CA GLU B 225 -37.60 31.69 9.13
C GLU B 225 -38.35 30.43 9.62
N GLU B 226 -38.82 30.47 10.90
CA GLU B 226 -39.41 29.39 11.71
C GLU B 226 -40.76 29.69 12.43
N GLN B 227 -41.44 30.83 12.14
CA GLN B 227 -42.72 31.14 12.81
C GLN B 227 -43.81 30.16 12.32
N GLY B 228 -43.50 29.46 11.23
CA GLY B 228 -44.33 28.44 10.61
C GLY B 228 -43.87 27.02 10.90
N ILE B 229 -43.62 26.75 12.18
CA ILE B 229 -43.22 25.45 12.65
C ILE B 229 -44.43 24.85 13.36
N PRO B 230 -44.86 23.64 12.95
CA PRO B 230 -46.01 23.01 13.63
C PRO B 230 -45.57 22.34 14.92
N LEU B 231 -46.52 21.92 15.77
CA LEU B 231 -46.15 21.24 17.00
C LEU B 231 -45.58 19.88 16.67
N GLU B 232 -46.18 19.15 15.69
CA GLU B 232 -45.75 17.83 15.19
C GLU B 232 -44.23 17.76 15.12
N TYR B 233 -43.62 18.74 14.42
CA TYR B 233 -42.18 18.88 14.26
C TYR B 233 -41.46 18.97 15.59
N LEU B 234 -41.77 20.00 16.41
CA LEU B 234 -41.16 20.19 17.75
C LEU B 234 -41.29 18.93 18.65
N GLU B 235 -42.43 18.25 18.53
CA GLU B 235 -42.76 17.02 19.20
C GLU B 235 -41.74 15.98 18.76
N LYS B 236 -41.71 15.63 17.43
CA LYS B 236 -40.79 14.64 16.85
C LYS B 236 -39.36 14.85 17.33
N LEU B 237 -38.89 16.13 17.40
CA LEU B 237 -37.54 16.47 17.92
C LEU B 237 -37.42 16.24 19.46
N HIS B 238 -38.44 16.68 20.24
CA HIS B 238 -38.44 16.50 21.69
C HIS B 238 -38.27 15.02 22.02
N TYR B 239 -39.00 14.16 21.31
CA TYR B 239 -38.87 12.73 21.59
C TYR B 239 -37.45 12.21 21.29
N LYS B 240 -36.84 12.60 20.13
CA LYS B 240 -35.48 12.18 19.73
C LYS B 240 -34.41 12.58 20.74
N HIS B 241 -34.57 13.78 21.37
CA HIS B 241 -33.62 14.28 22.39
C HIS B 241 -33.80 13.45 23.67
N GLU B 242 -35.06 13.02 23.96
CA GLU B 242 -35.36 12.18 25.13
C GLU B 242 -34.74 10.77 24.98
N SER B 243 -34.97 10.14 23.82
CA SER B 243 -34.47 8.82 23.43
C SER B 243 -32.94 8.79 23.35
N TRP B 244 -32.31 9.96 23.26
CA TRP B 244 -30.86 10.02 23.17
C TRP B 244 -30.24 10.40 24.50
N LEU B 245 -30.65 11.54 25.07
CA LEU B 245 -30.07 12.05 26.30
C LEU B 245 -30.72 11.56 27.61
N LEU B 246 -32.04 11.27 27.63
CA LEU B 246 -32.69 10.81 28.87
C LEU B 246 -32.83 9.31 28.98
N HIS B 247 -33.60 8.72 28.05
CA HIS B 247 -33.84 7.28 28.00
C HIS B 247 -32.61 6.50 27.57
N ARG B 248 -31.68 7.16 26.88
CA ARG B 248 -30.46 6.52 26.43
C ARG B 248 -30.61 5.28 25.57
N THR B 249 -31.24 5.42 24.41
CA THR B 249 -31.54 4.28 23.54
C THR B 249 -31.36 4.60 22.05
N LEU B 250 -30.84 5.77 21.73
CA LEU B 250 -30.58 6.14 20.34
C LEU B 250 -29.18 5.66 20.06
N LYS B 251 -29.02 4.50 19.41
CA LYS B 251 -27.67 3.95 19.13
C LYS B 251 -26.97 4.76 18.01
N THR B 252 -25.66 5.02 18.21
CA THR B 252 -24.82 5.88 17.35
C THR B 252 -23.58 5.13 16.77
N ASN B 253 -23.03 5.60 15.60
CA ASN B 253 -21.80 5.05 15.00
C ASN B 253 -20.56 5.39 15.86
N PHE B 254 -20.70 6.43 16.71
CA PHE B 254 -19.65 6.89 17.63
C PHE B 254 -19.84 6.24 18.98
N ASP B 255 -19.19 5.07 19.14
CA ASP B 255 -19.24 4.17 20.29
C ASP B 255 -18.99 4.88 21.62
N TYR B 256 -18.04 5.77 21.75
CA TYR B 256 -17.83 6.31 23.08
C TYR B 256 -19.05 7.00 23.65
N LEU B 257 -19.79 7.70 22.81
CA LEU B 257 -20.95 8.46 23.26
C LEU B 257 -21.72 7.81 24.37
N GLN B 258 -21.74 6.46 24.40
CA GLN B 258 -22.43 5.60 25.39
C GLN B 258 -22.18 6.00 26.87
N GLU B 259 -20.94 6.39 27.21
CA GLU B 259 -20.57 6.77 28.56
C GLU B 259 -20.10 8.24 28.64
N VAL B 260 -20.93 9.18 28.15
CA VAL B 260 -20.66 10.62 28.20
C VAL B 260 -21.70 11.23 29.12
N PRO B 261 -21.29 11.75 30.31
CA PRO B 261 -22.27 12.31 31.24
C PRO B 261 -23.20 13.37 30.66
N ILE B 262 -24.44 13.33 31.14
CA ILE B 262 -25.52 14.21 30.78
C ILE B 262 -25.98 14.95 32.05
N LEU B 263 -26.30 16.23 31.91
CA LEU B 263 -26.86 17.02 33.00
C LEU B 263 -28.21 17.55 32.42
N THR B 264 -29.32 16.84 32.73
CA THR B 264 -30.66 17.20 32.25
C THR B 264 -31.25 18.27 33.17
N LEU B 265 -31.46 19.50 32.64
CA LEU B 265 -32.03 20.61 33.38
C LEU B 265 -33.37 21.03 32.79
N ASP B 266 -34.41 21.08 33.62
CA ASP B 266 -35.73 21.52 33.23
C ASP B 266 -35.63 23.03 33.11
N VAL B 267 -35.93 23.55 31.93
CA VAL B 267 -35.83 24.97 31.61
C VAL B 267 -37.22 25.53 31.23
N ASN B 268 -38.29 24.84 31.68
CA ASN B 268 -39.67 25.23 31.41
C ASN B 268 -40.05 26.51 32.14
N GLU B 269 -39.82 26.54 33.47
CA GLU B 269 -40.06 27.74 34.25
C GLU B 269 -38.89 28.69 33.94
N ASP B 270 -39.22 29.85 33.32
CA ASP B 270 -38.31 30.92 32.86
C ASP B 270 -37.17 31.24 33.83
N PHE B 271 -35.94 31.20 33.30
CA PHE B 271 -34.72 31.46 34.05
C PHE B 271 -33.98 32.75 33.63
N LYS B 272 -34.60 33.63 32.79
CA LYS B 272 -33.94 34.86 32.34
C LYS B 272 -33.39 35.72 33.50
N ASP B 273 -34.05 35.65 34.70
CA ASP B 273 -33.64 36.32 35.94
C ASP B 273 -33.69 35.35 37.16
N LYS B 274 -34.16 34.10 36.94
CA LYS B 274 -34.29 33.02 37.94
C LYS B 274 -33.38 31.81 37.58
N TYR B 275 -32.13 32.13 37.17
CA TYR B 275 -31.11 31.17 36.73
C TYR B 275 -30.12 30.75 37.84
N GLU B 276 -30.46 31.04 39.12
CA GLU B 276 -29.60 30.72 40.26
C GLU B 276 -29.37 29.21 40.45
N SER B 277 -30.46 28.41 40.41
CA SER B 277 -30.44 26.96 40.63
C SER B 277 -29.60 26.20 39.62
N LEU B 278 -29.79 26.52 38.33
CA LEU B 278 -29.15 25.89 37.17
C LEU B 278 -27.62 26.05 37.16
N VAL B 279 -27.08 27.20 37.59
CA VAL B 279 -25.64 27.40 37.66
C VAL B 279 -25.05 26.56 38.79
N GLU B 280 -25.78 26.46 39.93
CA GLU B 280 -25.40 25.64 41.09
C GLU B 280 -25.29 24.15 40.74
N LYS B 281 -26.13 23.65 39.78
CA LYS B 281 -26.10 22.25 39.33
C LYS B 281 -24.95 22.00 38.34
N VAL B 282 -24.73 22.94 37.40
CA VAL B 282 -23.69 22.84 36.37
C VAL B 282 -22.28 22.99 36.96
N LYS B 283 -22.14 23.81 38.02
CA LYS B 283 -20.84 23.97 38.69
C LYS B 283 -20.44 22.63 39.32
N GLU B 284 -21.45 21.90 39.85
CA GLU B 284 -21.28 20.57 40.43
C GLU B 284 -20.96 19.56 39.34
N PHE B 285 -21.72 19.60 38.21
CA PHE B 285 -21.52 18.71 37.05
C PHE B 285 -20.08 18.82 36.49
N LEU B 286 -19.56 20.06 36.35
CA LEU B 286 -18.22 20.30 35.84
C LEU B 286 -17.11 19.94 36.85
N SER B 287 -17.49 19.52 38.09
CA SER B 287 -16.55 19.09 39.13
C SER B 287 -16.29 17.56 39.04
N THR B 288 -17.23 16.83 38.37
CA THR B 288 -17.13 15.38 38.10
C THR B 288 -16.24 15.18 36.86
N LEU B 289 -16.06 16.26 36.09
CA LEU B 289 -15.30 16.31 34.85
C LEU B 289 -13.98 17.10 35.00
N THR C 48 16.46 -7.51 18.26
CA THR C 48 16.09 -8.61 19.16
C THR C 48 15.29 -8.12 20.42
N ARG C 49 15.47 -6.81 20.82
CA ARG C 49 14.76 -6.09 21.91
C ARG C 49 13.31 -5.67 21.44
N ILE C 50 13.07 -5.75 20.11
CA ILE C 50 11.81 -5.46 19.44
C ILE C 50 10.94 -6.75 19.45
N LYS C 51 9.65 -6.63 19.76
CA LYS C 51 8.76 -7.79 19.74
C LYS C 51 8.39 -7.99 18.26
N LYS C 52 8.51 -9.24 17.74
CA LYS C 52 8.20 -9.51 16.32
C LYS C 52 6.80 -10.20 16.15
N ILE C 53 5.80 -9.49 15.59
CA ILE C 53 4.43 -10.02 15.47
C ILE C 53 4.01 -10.18 14.02
N SER C 54 3.83 -11.42 13.58
CA SER C 54 3.41 -11.72 12.21
C SER C 54 1.90 -11.48 11.99
N ILE C 55 1.54 -10.75 10.93
CA ILE C 55 0.15 -10.55 10.51
C ILE C 55 -0.06 -11.55 9.34
N GLU C 56 -0.86 -12.60 9.60
CA GLU C 56 -1.17 -13.68 8.66
C GLU C 56 -2.58 -13.58 8.10
N GLY C 57 -2.80 -14.21 6.95
CA GLY C 57 -4.12 -14.18 6.30
C GLY C 57 -4.10 -14.59 4.84
N ASN C 58 -5.27 -14.71 4.21
CA ASN C 58 -5.35 -15.12 2.82
C ASN C 58 -5.02 -13.95 1.89
N ILE C 59 -5.02 -14.19 0.54
CA ILE C 59 -4.87 -13.12 -0.48
C ILE C 59 -6.11 -12.22 -0.27
N ALA C 60 -5.91 -10.90 -0.24
CA ALA C 60 -6.95 -9.88 -0.03
C ALA C 60 -7.71 -9.97 1.32
N ALA C 61 -7.24 -10.77 2.31
CA ALA C 61 -7.91 -10.91 3.60
C ALA C 61 -8.04 -9.61 4.41
N GLY C 62 -7.13 -8.67 4.19
CA GLY C 62 -7.15 -7.38 4.88
C GLY C 62 -5.90 -7.05 5.68
N LYS C 63 -4.81 -7.81 5.46
CA LYS C 63 -3.50 -7.67 6.13
C LYS C 63 -2.89 -6.27 6.08
N SER C 64 -2.77 -5.69 4.90
CA SER C 64 -2.21 -4.36 4.74
C SER C 64 -3.10 -3.31 5.33
N THR C 65 -4.38 -3.43 5.08
CA THR C 65 -5.31 -2.44 5.56
C THR C 65 -5.30 -2.40 7.05
N PHE C 66 -5.32 -3.55 7.67
CA PHE C 66 -5.29 -3.66 9.12
C PHE C 66 -3.94 -3.16 9.62
N VAL C 67 -2.88 -3.50 8.91
CA VAL C 67 -1.56 -3.07 9.32
C VAL C 67 -1.41 -1.56 9.29
N ASN C 68 -1.97 -0.93 8.27
CA ASN C 68 -1.89 0.53 8.18
C ASN C 68 -2.63 1.16 9.33
N ILE C 69 -3.79 0.61 9.70
CA ILE C 69 -4.58 1.14 10.79
C ILE C 69 -3.82 1.10 12.08
N LEU C 70 -3.19 -0.03 12.31
CA LEU C 70 -2.41 -0.28 13.50
C LEU C 70 -1.14 0.54 13.73
N LYS C 71 -0.40 0.78 12.67
CA LYS C 71 0.88 1.47 12.74
C LYS C 71 0.82 2.88 13.28
N GLN C 72 -0.21 3.62 12.91
CA GLN C 72 -0.35 5.00 13.36
C GLN C 72 -0.58 5.19 14.86
N LEU C 73 -1.12 4.18 15.52
CA LEU C 73 -1.40 4.27 16.94
C LEU C 73 -0.18 4.50 17.85
N SER C 74 0.96 3.92 17.53
CA SER C 74 2.11 4.07 18.41
C SER C 74 3.35 4.36 17.59
N GLU C 75 4.19 5.23 18.16
CA GLU C 75 5.46 5.67 17.59
C GLU C 75 6.41 4.49 17.71
N ASP C 76 6.25 3.70 18.81
CA ASP C 76 7.02 2.50 19.15
C ASP C 76 6.51 1.22 18.41
N TRP C 77 5.54 1.39 17.49
CA TRP C 77 4.99 0.31 16.67
C TRP C 77 5.33 0.60 15.23
N GLU C 78 6.03 -0.34 14.59
CA GLU C 78 6.46 -0.22 13.20
C GLU C 78 6.06 -1.46 12.39
N VAL C 79 5.83 -1.27 11.07
CA VAL C 79 5.35 -2.32 10.17
C VAL C 79 6.38 -2.67 9.11
N VAL C 80 6.51 -3.97 8.77
CA VAL C 80 7.42 -4.50 7.72
C VAL C 80 6.53 -5.13 6.63
N PRO C 81 6.10 -4.31 5.65
CA PRO C 81 5.18 -4.81 4.63
C PRO C 81 5.70 -5.90 3.68
N GLU C 82 4.79 -6.52 2.90
CA GLU C 82 5.14 -7.56 1.93
C GLU C 82 5.68 -6.84 0.71
N PRO C 83 6.91 -7.19 0.23
CA PRO C 83 7.51 -6.46 -0.91
C PRO C 83 6.90 -6.77 -2.29
N VAL C 84 5.57 -6.61 -2.41
CA VAL C 84 4.78 -6.86 -3.62
C VAL C 84 5.10 -5.83 -4.73
N ALA C 85 5.56 -4.64 -4.30
CA ALA C 85 5.95 -3.58 -5.20
C ALA C 85 7.19 -4.01 -5.98
N ARG C 86 8.10 -4.80 -5.34
CA ARG C 86 9.34 -5.33 -5.95
C ARG C 86 9.06 -6.54 -6.87
N TRP C 87 8.02 -7.32 -6.58
CA TRP C 87 7.67 -8.49 -7.38
C TRP C 87 6.86 -8.09 -8.62
N SER C 88 6.18 -6.93 -8.57
CA SER C 88 5.41 -6.43 -9.72
C SER C 88 6.33 -5.86 -10.79
N ASN C 89 7.47 -5.30 -10.40
CA ASN C 89 8.46 -4.74 -11.31
C ASN C 89 9.81 -5.17 -10.79
N VAL C 90 10.23 -6.36 -11.25
CA VAL C 90 11.46 -7.01 -10.83
C VAL C 90 12.68 -6.22 -11.27
N GLN C 91 13.44 -5.73 -10.28
CA GLN C 91 14.68 -4.96 -10.42
C GLN C 91 15.64 -5.14 -9.21
N SER C 92 16.94 -4.86 -9.45
CA SER C 92 18.08 -4.95 -8.52
C SER C 92 18.94 -3.67 -8.63
N THR C 93 18.97 -3.06 -9.86
CA THR C 93 19.72 -1.84 -10.19
C THR C 93 18.84 -0.58 -10.11
N GLY C 108 10.75 -7.19 -15.66
CA GLY C 108 9.43 -7.78 -15.85
C GLY C 108 8.61 -7.90 -14.58
N ASN C 109 7.48 -8.67 -14.63
CA ASN C 109 6.60 -8.90 -13.47
C ASN C 109 6.57 -10.40 -13.01
N VAL C 110 7.52 -10.79 -12.13
CA VAL C 110 7.66 -12.16 -11.59
C VAL C 110 6.34 -12.73 -10.96
N LEU C 111 5.55 -11.87 -10.26
CA LEU C 111 4.25 -12.20 -9.65
C LEU C 111 3.20 -12.42 -10.76
N GLN C 112 3.22 -11.61 -11.86
CA GLN C 112 2.31 -11.82 -13.00
C GLN C 112 2.66 -13.13 -13.72
N MET C 113 3.97 -13.32 -14.11
CA MET C 113 4.59 -14.49 -14.77
C MET C 113 4.22 -15.82 -14.11
N MET C 114 4.15 -15.84 -12.77
CA MET C 114 3.65 -16.98 -12.02
C MET C 114 2.15 -17.19 -12.11
N TYR C 115 1.37 -16.13 -11.93
CA TYR C 115 -0.09 -16.27 -12.05
C TYR C 115 -0.48 -16.64 -13.51
N GLU C 116 0.34 -16.23 -14.48
CA GLU C 116 0.18 -16.49 -15.91
C GLU C 116 0.46 -17.95 -16.20
N LYS C 117 1.61 -18.46 -15.69
CA LYS C 117 2.10 -19.82 -15.93
C LYS C 117 2.82 -20.28 -14.66
N PRO C 118 2.09 -20.87 -13.70
CA PRO C 118 2.73 -21.30 -12.45
C PRO C 118 3.70 -22.47 -12.57
N GLU C 119 3.44 -23.44 -13.47
CA GLU C 119 4.34 -24.60 -13.59
C GLU C 119 5.72 -24.18 -14.16
N ARG C 120 5.83 -22.91 -14.66
CA ARG C 120 7.08 -22.34 -15.19
C ARG C 120 7.71 -21.31 -14.26
N TRP C 121 6.92 -20.66 -13.40
CA TRP C 121 7.53 -19.62 -12.56
C TRP C 121 7.29 -19.75 -11.05
N SER C 122 6.45 -20.72 -10.61
CA SER C 122 6.16 -20.90 -9.20
C SER C 122 7.41 -20.90 -8.40
N PHE C 123 8.41 -21.71 -8.82
CA PHE C 123 9.70 -21.76 -8.14
C PHE C 123 10.40 -20.39 -8.06
N THR C 124 10.81 -19.81 -9.22
CA THR C 124 11.51 -18.52 -9.34
C THR C 124 10.87 -17.49 -8.40
N PHE C 125 9.53 -17.34 -8.47
CA PHE C 125 8.76 -16.40 -7.68
C PHE C 125 8.79 -16.72 -6.18
N GLN C 126 8.73 -18.01 -5.80
CA GLN C 126 8.66 -18.38 -4.40
C GLN C 126 9.95 -18.20 -3.65
N THR C 127 11.07 -18.31 -4.39
CA THR C 127 12.39 -18.10 -3.84
C THR C 127 12.60 -16.56 -3.72
N TYR C 128 12.33 -15.80 -4.82
CA TYR C 128 12.45 -14.33 -4.82
C TYR C 128 11.44 -13.67 -3.89
N ALA C 129 10.40 -14.43 -3.47
CA ALA C 129 9.38 -13.94 -2.55
C ALA C 129 10.05 -13.89 -1.23
N CYS C 130 10.46 -15.05 -0.76
CA CYS C 130 11.12 -15.25 0.52
C CYS C 130 12.41 -14.43 0.64
N LEU C 131 13.33 -14.50 -0.35
CA LEU C 131 14.60 -13.74 -0.32
C LEU C 131 14.40 -12.24 -0.04
N SER C 132 13.46 -11.62 -0.77
CA SER C 132 13.16 -10.21 -0.61
C SER C 132 12.54 -9.91 0.75
N ARG C 133 11.78 -10.87 1.33
CA ARG C 133 11.16 -10.70 2.65
C ARG C 133 12.22 -10.74 3.71
N ILE C 134 12.97 -11.84 3.81
CA ILE C 134 14.08 -12.05 4.74
C ILE C 134 15.06 -10.84 4.73
N ARG C 135 15.32 -10.24 3.55
CA ARG C 135 16.20 -9.06 3.39
C ARG C 135 15.61 -7.82 4.10
N ALA C 136 14.33 -7.46 3.83
CA ALA C 136 13.63 -6.30 4.43
C ALA C 136 13.32 -6.55 5.89
N GLN C 137 12.93 -7.77 6.20
CA GLN C 137 12.61 -8.15 7.55
C GLN C 137 13.85 -8.03 8.39
N LEU C 138 14.98 -8.48 7.85
CA LEU C 138 16.24 -8.41 8.56
C LEU C 138 16.63 -6.95 8.80
N ALA C 139 16.70 -6.17 7.71
CA ALA C 139 17.08 -4.75 7.67
C ALA C 139 16.29 -3.86 8.62
N SER C 140 15.00 -4.15 8.77
CA SER C 140 14.04 -3.41 9.58
C SER C 140 14.21 -3.61 11.09
N LEU C 141 15.09 -4.53 11.51
CA LEU C 141 15.32 -4.73 12.93
C LEU C 141 16.29 -3.66 13.48
N ASN C 142 17.34 -3.32 12.67
CA ASN C 142 18.39 -2.35 13.00
C ASN C 142 17.97 -0.87 12.87
N GLY C 143 16.83 -0.64 12.20
CA GLY C 143 16.22 0.67 12.01
C GLY C 143 15.68 1.29 13.30
N LYS C 144 15.38 2.62 13.24
CA LYS C 144 14.89 3.54 14.28
C LYS C 144 14.09 2.91 15.44
N LEU C 145 13.20 1.96 15.14
CA LEU C 145 12.38 1.27 16.15
C LEU C 145 13.19 0.27 17.02
N LYS C 146 14.52 0.45 17.12
CA LYS C 146 15.44 -0.37 17.94
C LYS C 146 15.62 0.29 19.30
N ASP C 147 15.89 1.62 19.29
CA ASP C 147 16.10 2.46 20.48
C ASP C 147 14.77 3.01 21.02
N ALA C 148 13.69 2.19 20.98
CA ALA C 148 12.34 2.56 21.42
C ALA C 148 11.99 2.06 22.82
N GLU C 149 11.00 2.71 23.49
CA GLU C 149 10.50 2.37 24.82
C GLU C 149 9.96 0.92 24.83
N LYS C 150 8.78 0.66 24.26
CA LYS C 150 8.22 -0.70 24.14
C LYS C 150 8.02 -1.01 22.62
N PRO C 151 9.13 -1.25 21.86
CA PRO C 151 9.00 -1.45 20.41
C PRO C 151 8.28 -2.71 19.99
N VAL C 152 7.52 -2.64 18.89
CA VAL C 152 6.81 -3.78 18.29
C VAL C 152 6.95 -3.67 16.78
N LEU C 153 7.43 -4.75 16.12
CA LEU C 153 7.55 -4.82 14.67
C LEU C 153 6.47 -5.78 14.12
N PHE C 154 5.50 -5.23 13.36
CA PHE C 154 4.39 -5.95 12.75
C PHE C 154 4.75 -6.38 11.32
N PHE C 155 5.14 -7.65 11.13
CA PHE C 155 5.54 -8.17 9.82
C PHE C 155 4.30 -8.54 8.97
N GLU C 156 4.31 -8.17 7.70
CA GLU C 156 3.25 -8.59 6.85
C GLU C 156 3.77 -9.93 6.39
N ARG C 157 3.04 -10.95 6.76
CA ARG C 157 3.36 -12.38 6.49
C ARG C 157 4.76 -12.79 6.96
N SER C 158 4.88 -14.00 7.49
CA SER C 158 6.15 -14.53 8.00
C SER C 158 6.90 -15.27 6.89
N VAL C 159 8.10 -15.84 7.21
CA VAL C 159 8.84 -16.65 6.23
C VAL C 159 8.13 -18.00 6.03
N TYR C 160 7.47 -18.53 7.11
CA TYR C 160 6.72 -19.79 7.19
C TYR C 160 5.46 -19.84 6.34
N SER C 161 4.75 -18.70 6.18
CA SER C 161 3.56 -18.66 5.33
C SER C 161 3.93 -18.73 3.88
N ASP C 162 5.23 -18.50 3.55
CA ASP C 162 5.70 -18.65 2.18
C ASP C 162 5.86 -20.14 1.89
N ARG C 163 6.51 -20.84 2.82
CA ARG C 163 6.82 -22.26 2.66
C ARG C 163 5.63 -23.15 2.92
N TYR C 164 5.24 -23.27 4.20
CA TYR C 164 4.20 -24.16 4.69
C TYR C 164 2.78 -23.81 4.23
N ILE C 165 2.53 -22.54 3.76
CA ILE C 165 1.22 -22.11 3.25
C ILE C 165 1.15 -22.03 1.70
N PHE C 166 1.89 -21.06 1.07
CA PHE C 166 1.89 -20.73 -0.36
C PHE C 166 2.69 -21.67 -1.31
N ALA C 167 4.01 -21.83 -1.10
CA ALA C 167 4.88 -22.67 -1.94
C ALA C 167 4.53 -24.14 -1.81
N SER C 168 4.10 -24.56 -0.62
CA SER C 168 3.69 -25.93 -0.33
C SER C 168 2.48 -26.20 -1.17
N ASN C 169 1.47 -25.31 -1.07
CA ASN C 169 0.22 -25.40 -1.82
C ASN C 169 0.52 -25.46 -3.32
N LEU C 170 1.63 -24.83 -3.77
CA LEU C 170 2.03 -24.85 -5.18
C LEU C 170 2.54 -26.20 -5.57
N TYR C 171 3.36 -26.82 -4.72
CA TYR C 171 3.90 -28.14 -4.99
C TYR C 171 2.77 -29.21 -5.04
N GLU C 172 1.76 -29.06 -4.15
CA GLU C 172 0.58 -29.93 -4.06
C GLU C 172 -0.38 -29.67 -5.26
N SER C 173 -0.11 -28.60 -6.05
CA SER C 173 -0.92 -28.24 -7.21
C SER C 173 -0.15 -28.49 -8.51
N GLU C 174 1.03 -29.16 -8.40
CA GLU C 174 1.92 -29.50 -9.52
C GLU C 174 2.34 -28.29 -10.35
N CYS C 175 2.85 -27.27 -9.67
CA CYS C 175 3.36 -26.06 -10.28
C CYS C 175 4.84 -25.98 -9.92
N MET C 176 5.27 -27.03 -9.20
CA MET C 176 6.59 -27.30 -8.71
C MET C 176 6.73 -28.81 -8.72
N ASN C 177 7.82 -29.28 -9.33
CA ASN C 177 8.11 -30.71 -9.36
C ASN C 177 8.86 -31.08 -8.07
N GLU C 178 9.18 -32.36 -7.89
CA GLU C 178 9.88 -32.84 -6.68
C GLU C 178 11.24 -32.17 -6.53
N THR C 179 12.00 -32.12 -7.64
CA THR C 179 13.34 -31.53 -7.75
C THR C 179 13.32 -30.04 -7.46
N GLU C 180 12.23 -29.33 -7.84
CA GLU C 180 12.04 -27.90 -7.58
C GLU C 180 11.75 -27.70 -6.09
N TRP C 181 10.68 -28.35 -5.58
CA TRP C 181 10.22 -28.28 -4.20
C TRP C 181 11.24 -28.82 -3.18
N THR C 182 12.12 -29.74 -3.59
CA THR C 182 13.20 -30.21 -2.70
C THR C 182 14.22 -29.07 -2.56
N ILE C 183 14.72 -28.50 -3.70
CA ILE C 183 15.66 -27.38 -3.74
C ILE C 183 15.15 -26.24 -2.85
N TYR C 184 13.88 -25.86 -3.04
CA TYR C 184 13.22 -24.79 -2.28
C TYR C 184 13.19 -25.05 -0.79
N GLN C 185 12.62 -26.20 -0.38
CA GLN C 185 12.52 -26.58 1.02
C GLN C 185 13.91 -26.68 1.67
N ASP C 186 14.87 -27.36 1.02
CA ASP C 186 16.24 -27.50 1.50
C ASP C 186 16.90 -26.12 1.66
N TRP C 187 16.70 -25.20 0.68
CA TRP C 187 17.27 -23.85 0.73
C TRP C 187 16.70 -23.08 1.90
N HIS C 188 15.36 -23.02 2.01
CA HIS C 188 14.58 -22.34 3.06
C HIS C 188 15.10 -22.70 4.43
N ASP C 189 15.16 -24.01 4.75
CA ASP C 189 15.65 -24.53 6.01
C ASP C 189 17.00 -23.89 6.33
N TRP C 190 17.95 -24.01 5.38
CA TRP C 190 19.31 -23.48 5.50
C TRP C 190 19.36 -21.96 5.65
N MET C 191 18.54 -21.24 4.88
CA MET C 191 18.43 -19.78 4.94
C MET C 191 18.17 -19.38 6.38
N ASN C 192 17.05 -19.90 6.95
CA ASN C 192 16.59 -19.59 8.30
C ASN C 192 17.50 -20.06 9.37
N ASN C 193 18.02 -21.29 9.29
CA ASN C 193 18.91 -21.84 10.31
C ASN C 193 20.26 -21.08 10.41
N GLN C 194 20.49 -20.06 9.54
CA GLN C 194 21.69 -19.18 9.50
C GLN C 194 21.40 -17.72 9.97
N PHE C 195 20.54 -17.56 11.03
CA PHE C 195 20.15 -16.31 11.68
C PHE C 195 20.07 -16.48 13.21
N GLY C 196 19.10 -17.31 13.63
CA GLY C 196 18.78 -17.62 15.03
C GLY C 196 17.49 -16.95 15.48
N GLN C 197 17.48 -16.54 16.77
CA GLN C 197 16.37 -15.85 17.45
C GLN C 197 16.26 -14.34 17.06
N SER C 198 16.62 -14.06 15.79
CA SER C 198 16.63 -12.74 15.16
C SER C 198 15.34 -12.59 14.38
N LEU C 199 14.99 -13.63 13.60
CA LEU C 199 13.78 -13.64 12.80
C LEU C 199 12.60 -14.32 13.51
N GLU C 200 12.84 -14.95 14.68
CA GLU C 200 11.84 -15.67 15.47
C GLU C 200 10.72 -14.77 15.98
N LEU C 201 9.47 -15.19 15.73
CA LEU C 201 8.26 -14.46 16.11
C LEU C 201 8.02 -14.53 17.62
N ASP C 202 7.24 -13.56 18.13
CA ASP C 202 6.88 -13.47 19.54
C ASP C 202 5.38 -13.71 19.65
N GLY C 203 4.71 -13.86 18.50
CA GLY C 203 3.27 -14.11 18.38
C GLY C 203 2.70 -13.78 17.02
N ILE C 204 1.69 -14.53 16.57
CA ILE C 204 1.01 -14.36 15.26
C ILE C 204 -0.37 -13.71 15.46
N ILE C 205 -0.94 -13.05 14.41
CA ILE C 205 -2.29 -12.47 14.37
C ILE C 205 -2.90 -12.92 13.05
N TYR C 206 -3.75 -13.94 13.10
CA TYR C 206 -4.41 -14.55 11.94
C TYR C 206 -5.69 -13.77 11.51
N LEU C 207 -5.67 -13.20 10.30
CA LEU C 207 -6.81 -12.49 9.77
C LEU C 207 -7.73 -13.49 9.06
N GLN C 208 -8.74 -13.89 9.81
CA GLN C 208 -9.65 -14.89 9.37
C GLN C 208 -10.79 -14.35 8.59
N ALA C 209 -10.90 -14.82 7.36
CA ALA C 209 -11.99 -14.43 6.44
C ALA C 209 -12.30 -15.57 5.47
N THR C 210 -13.59 -15.76 5.18
CA THR C 210 -14.07 -16.80 4.26
C THR C 210 -13.40 -16.64 2.88
N PRO C 211 -12.99 -17.69 2.12
CA PRO C 211 -12.34 -17.45 0.82
C PRO C 211 -13.20 -16.66 -0.16
N GLU C 212 -14.53 -16.62 0.07
CA GLU C 212 -15.47 -15.81 -0.70
C GLU C 212 -15.22 -14.31 -0.47
N THR C 213 -14.98 -13.89 0.80
CA THR C 213 -14.66 -12.52 1.17
C THR C 213 -13.30 -12.16 0.52
N CYS C 214 -12.38 -13.13 0.52
CA CYS C 214 -11.06 -12.96 -0.06
C CYS C 214 -11.14 -12.85 -1.56
N LEU C 215 -12.12 -13.52 -2.21
CA LEU C 215 -12.31 -13.32 -3.64
C LEU C 215 -12.95 -11.95 -3.91
N HIS C 216 -13.92 -11.52 -3.05
CA HIS C 216 -14.55 -10.21 -3.26
C HIS C 216 -13.55 -9.09 -3.10
N ARG C 217 -12.67 -9.20 -2.09
CA ARG C 217 -11.68 -8.18 -1.80
C ARG C 217 -10.59 -8.10 -2.87
N ILE C 218 -10.27 -9.25 -3.60
CA ILE C 218 -9.30 -9.31 -4.72
C ILE C 218 -9.73 -8.34 -5.83
N TYR C 219 -11.06 -8.35 -6.09
CA TYR C 219 -11.76 -7.54 -7.07
C TYR C 219 -11.73 -6.05 -6.71
N LEU C 220 -12.04 -5.70 -5.43
CA LEU C 220 -12.02 -4.30 -4.95
C LEU C 220 -10.63 -3.67 -5.11
N ARG C 221 -9.58 -4.46 -4.75
CA ARG C 221 -8.15 -4.16 -4.84
C ARG C 221 -7.79 -3.93 -6.31
N GLY C 222 -8.35 -4.79 -7.17
CA GLY C 222 -8.25 -4.74 -8.62
C GLY C 222 -6.92 -5.03 -9.28
N ARG C 223 -5.96 -5.72 -8.57
CA ARG C 223 -4.65 -6.05 -9.14
C ARG C 223 -4.87 -6.88 -10.40
N ASN C 224 -4.36 -6.41 -11.56
CA ASN C 224 -4.56 -7.12 -12.83
C ASN C 224 -4.12 -8.59 -12.75
N GLU C 225 -2.92 -8.80 -12.20
CA GLU C 225 -2.26 -10.07 -11.92
C GLU C 225 -3.25 -11.11 -11.29
N GLU C 226 -3.88 -10.66 -10.19
CA GLU C 226 -4.80 -11.29 -9.26
C GLU C 226 -6.19 -11.62 -9.74
N GLN C 227 -6.71 -10.88 -10.74
CA GLN C 227 -8.08 -11.05 -11.22
C GLN C 227 -8.38 -12.46 -11.78
N GLY C 228 -7.31 -13.21 -12.13
CA GLY C 228 -7.39 -14.58 -12.63
C GLY C 228 -7.90 -15.55 -11.57
N ILE C 229 -7.34 -15.44 -10.37
CA ILE C 229 -7.54 -16.42 -9.33
C ILE C 229 -8.96 -16.83 -9.08
N PRO C 230 -9.17 -18.13 -9.05
CA PRO C 230 -10.52 -18.66 -8.81
C PRO C 230 -10.82 -18.70 -7.31
N LEU C 231 -12.08 -19.00 -6.91
CA LEU C 231 -12.40 -19.21 -5.49
C LEU C 231 -11.67 -20.50 -5.05
N GLU C 232 -11.55 -21.49 -5.99
CA GLU C 232 -10.90 -22.80 -5.81
C GLU C 232 -9.47 -22.70 -5.24
N TYR C 233 -8.65 -21.79 -5.76
CA TYR C 233 -7.28 -21.60 -5.29
C TYR C 233 -7.31 -20.91 -3.93
N LEU C 234 -8.19 -19.89 -3.75
CA LEU C 234 -8.37 -19.17 -2.47
C LEU C 234 -8.81 -20.11 -1.34
N GLU C 235 -9.75 -21.05 -1.61
CA GLU C 235 -10.19 -22.00 -0.60
C GLU C 235 -9.05 -22.95 -0.22
N LYS C 236 -8.20 -23.38 -1.20
CA LYS C 236 -7.05 -24.27 -0.94
C LYS C 236 -6.14 -23.63 0.08
N LEU C 237 -5.85 -22.32 -0.14
CA LEU C 237 -5.03 -21.48 0.74
C LEU C 237 -5.72 -21.29 2.09
N HIS C 238 -7.04 -21.09 2.07
CA HIS C 238 -7.82 -20.89 3.29
C HIS C 238 -7.73 -22.07 4.25
N TYR C 239 -7.60 -23.29 3.74
CA TYR C 239 -7.49 -24.43 4.66
C TYR C 239 -6.07 -24.60 5.22
N LYS C 240 -4.98 -24.28 4.41
CA LYS C 240 -3.56 -24.34 4.82
C LYS C 240 -3.34 -23.31 5.95
N HIS C 241 -4.19 -22.26 5.96
CA HIS C 241 -4.17 -21.22 6.96
C HIS C 241 -4.83 -21.78 8.21
N GLU C 242 -6.06 -22.31 8.09
CA GLU C 242 -6.79 -22.89 9.21
C GLU C 242 -6.03 -24.04 9.91
N SER C 243 -5.38 -24.89 9.12
CA SER C 243 -4.60 -25.99 9.63
C SER C 243 -3.39 -25.53 10.45
N TRP C 244 -2.72 -24.48 9.98
CA TRP C 244 -1.57 -23.93 10.67
C TRP C 244 -1.92 -23.10 11.94
N LEU C 245 -2.77 -22.07 11.81
CA LEU C 245 -3.07 -21.09 12.86
C LEU C 245 -4.32 -21.32 13.73
N LEU C 246 -5.32 -22.05 13.23
CA LEU C 246 -6.52 -22.22 14.04
C LEU C 246 -6.57 -23.57 14.78
N HIS C 247 -6.56 -24.68 14.02
CA HIS C 247 -6.55 -26.06 14.51
C HIS C 247 -5.14 -26.45 15.01
N ARG C 248 -4.08 -25.74 14.56
CA ARG C 248 -2.67 -25.91 14.90
C ARG C 248 -2.23 -27.35 14.70
N THR C 249 -2.39 -27.83 13.46
CA THR C 249 -2.05 -29.18 13.07
C THR C 249 -0.94 -29.22 12.02
N LEU C 250 -0.55 -28.05 11.47
CA LEU C 250 0.49 -28.01 10.45
C LEU C 250 1.84 -28.01 11.13
N LYS C 251 2.56 -29.13 10.98
CA LYS C 251 3.88 -29.29 11.55
C LYS C 251 4.93 -28.64 10.62
N THR C 252 5.80 -27.78 11.18
CA THR C 252 6.88 -27.11 10.46
C THR C 252 8.22 -27.71 10.94
N ASN C 253 9.33 -27.31 10.31
CA ASN C 253 10.67 -27.76 10.71
C ASN C 253 11.17 -26.91 11.85
N PHE C 254 10.45 -25.81 12.10
CA PHE C 254 10.74 -24.83 13.14
C PHE C 254 9.93 -25.16 14.41
N ASP C 255 10.49 -26.11 15.19
CA ASP C 255 9.94 -26.71 16.42
C ASP C 255 9.60 -25.69 17.52
N TYR C 256 9.87 -24.40 17.26
CA TYR C 256 9.60 -23.33 18.22
C TYR C 256 8.20 -22.79 18.09
N LEU C 257 7.71 -22.68 16.84
CA LEU C 257 6.42 -22.09 16.52
C LEU C 257 5.27 -22.63 17.34
N GLN C 258 5.44 -23.84 17.90
CA GLN C 258 4.47 -24.54 18.76
C GLN C 258 4.19 -23.78 20.10
N GLU C 259 5.18 -23.00 20.57
CA GLU C 259 5.16 -22.17 21.78
C GLU C 259 4.70 -20.70 21.48
N VAL C 260 4.61 -20.32 20.17
CA VAL C 260 4.24 -18.99 19.66
C VAL C 260 2.69 -18.76 19.65
N PRO C 261 2.19 -17.72 20.34
CA PRO C 261 0.74 -17.53 20.46
C PRO C 261 0.05 -16.85 19.29
N ILE C 262 -1.12 -17.39 18.86
CA ILE C 262 -1.89 -16.87 17.72
C ILE C 262 -3.21 -16.21 18.14
N LEU C 263 -3.41 -14.93 17.77
CA LEU C 263 -4.64 -14.17 18.03
C LEU C 263 -5.48 -14.18 16.73
N THR C 264 -6.53 -15.01 16.68
CA THR C 264 -7.42 -15.15 15.51
C THR C 264 -8.53 -14.08 15.59
N LEU C 265 -8.62 -13.26 14.52
CA LEU C 265 -9.60 -12.16 14.38
C LEU C 265 -10.38 -12.32 13.07
N ASP C 266 -11.69 -12.40 13.18
CA ASP C 266 -12.54 -12.57 12.03
C ASP C 266 -12.74 -11.21 11.46
N VAL C 267 -12.35 -11.06 10.21
CA VAL C 267 -12.48 -9.79 9.54
C VAL C 267 -13.45 -9.84 8.39
N ASN C 268 -14.39 -10.77 8.43
CA ASN C 268 -15.36 -10.83 7.36
C ASN C 268 -16.14 -9.54 7.34
N GLU C 269 -16.60 -9.10 8.50
CA GLU C 269 -17.32 -7.86 8.57
C GLU C 269 -16.35 -6.81 8.18
N ASP C 270 -16.77 -5.89 7.33
CA ASP C 270 -15.90 -4.85 6.84
C ASP C 270 -15.42 -4.04 8.03
N PHE C 271 -14.11 -3.92 8.18
CA PHE C 271 -13.56 -3.21 9.33
C PHE C 271 -12.85 -1.92 9.05
N LYS C 272 -12.96 -1.39 7.85
CA LYS C 272 -12.25 -0.16 7.54
C LYS C 272 -12.77 0.94 8.44
N ASP C 273 -14.08 1.06 8.53
CA ASP C 273 -14.72 2.05 9.38
C ASP C 273 -14.61 1.83 10.87
N LYS C 274 -14.84 0.60 11.32
CA LYS C 274 -14.77 0.33 12.74
C LYS C 274 -13.87 -0.82 13.13
N TYR C 275 -12.85 -0.53 13.90
CA TYR C 275 -11.92 -1.54 14.33
C TYR C 275 -11.54 -1.43 15.79
N GLU C 276 -12.31 -0.70 16.60
CA GLU C 276 -11.91 -0.54 17.98
C GLU C 276 -11.88 -1.86 18.69
N SER C 277 -12.88 -2.70 18.46
CA SER C 277 -12.82 -4.01 19.12
C SER C 277 -11.59 -4.82 18.65
N LEU C 278 -11.28 -4.74 17.34
CA LEU C 278 -10.15 -5.42 16.69
C LEU C 278 -8.80 -4.91 17.20
N VAL C 279 -8.74 -3.61 17.55
CA VAL C 279 -7.52 -3.01 18.07
C VAL C 279 -7.39 -3.34 19.54
N GLU C 280 -8.49 -3.16 20.33
CA GLU C 280 -8.48 -3.46 21.76
C GLU C 280 -8.03 -4.90 22.05
N LYS C 281 -8.46 -5.87 21.19
CA LYS C 281 -8.08 -7.30 21.22
C LYS C 281 -6.55 -7.44 20.99
N VAL C 282 -6.00 -6.63 20.01
CA VAL C 282 -4.56 -6.56 19.65
C VAL C 282 -3.79 -6.01 20.85
N LYS C 283 -4.19 -4.82 21.34
CA LYS C 283 -3.59 -4.14 22.47
C LYS C 283 -3.45 -5.09 23.67
N GLU C 284 -4.51 -5.88 23.97
CA GLU C 284 -4.49 -6.86 25.07
C GLU C 284 -3.68 -8.11 24.72
N PHE C 285 -3.57 -8.47 23.43
CA PHE C 285 -2.77 -9.62 23.03
C PHE C 285 -1.25 -9.35 23.26
N LEU C 286 -0.78 -8.13 22.98
CA LEU C 286 0.62 -7.76 23.18
C LEU C 286 0.99 -7.68 24.66
N SER C 287 0.00 -7.42 25.53
CA SER C 287 0.18 -7.32 26.98
C SER C 287 0.48 -8.69 27.62
N THR C 288 0.11 -9.79 26.94
CA THR C 288 0.39 -11.14 27.42
C THR C 288 1.83 -11.56 27.05
N LEU C 289 2.32 -11.12 25.87
CA LEU C 289 3.68 -11.40 25.37
C LEU C 289 4.70 -10.55 26.17
N ARG D 49 42.24 -17.42 10.30
CA ARG D 49 43.69 -17.60 10.08
C ARG D 49 43.97 -18.51 8.84
N ILE D 50 42.89 -19.03 8.19
CA ILE D 50 42.96 -19.93 7.03
C ILE D 50 42.98 -19.14 5.71
N LYS D 51 44.02 -19.38 4.87
CA LYS D 51 44.19 -18.76 3.56
C LYS D 51 43.21 -19.45 2.62
N LYS D 52 42.39 -18.65 1.90
CA LYS D 52 41.37 -19.17 0.99
C LYS D 52 41.71 -18.89 -0.49
N ILE D 53 42.48 -19.80 -1.13
CA ILE D 53 42.90 -19.69 -2.53
C ILE D 53 41.91 -20.44 -3.42
N SER D 54 41.43 -19.85 -4.52
CA SER D 54 40.49 -20.55 -5.42
C SER D 54 41.17 -20.95 -6.73
N ILE D 55 40.90 -22.19 -7.22
CA ILE D 55 41.45 -22.72 -8.48
C ILE D 55 40.46 -22.40 -9.61
N GLU D 56 40.71 -21.34 -10.40
CA GLU D 56 39.84 -20.95 -11.51
C GLU D 56 40.25 -21.55 -12.84
N GLY D 57 39.34 -21.58 -13.80
CA GLY D 57 39.66 -22.16 -15.10
C GLY D 57 38.47 -22.52 -15.95
N ASN D 58 38.74 -22.97 -17.20
CA ASN D 58 37.69 -23.32 -18.16
C ASN D 58 37.18 -24.75 -17.92
N ILE D 59 36.32 -25.30 -18.85
CA ILE D 59 35.85 -26.69 -18.78
C ILE D 59 37.00 -27.57 -19.26
N ALA D 60 37.20 -28.73 -18.59
CA ALA D 60 38.28 -29.69 -18.91
C ALA D 60 39.70 -29.07 -18.88
N ALA D 61 39.87 -27.81 -18.39
CA ALA D 61 41.16 -27.11 -18.31
C ALA D 61 42.15 -27.80 -17.39
N GLY D 62 41.69 -28.40 -16.30
CA GLY D 62 42.57 -29.16 -15.41
C GLY D 62 42.44 -29.00 -13.91
N LYS D 63 41.43 -28.26 -13.42
CA LYS D 63 41.24 -28.02 -11.98
C LYS D 63 41.08 -29.32 -11.13
N SER D 64 40.07 -30.16 -11.42
CA SER D 64 39.78 -31.40 -10.70
C SER D 64 40.97 -32.32 -10.51
N THR D 65 41.97 -32.14 -11.37
CA THR D 65 43.20 -32.92 -11.34
C THR D 65 44.28 -32.23 -10.54
N PHE D 66 44.32 -30.92 -10.66
CA PHE D 66 45.31 -30.09 -9.97
C PHE D 66 44.97 -29.95 -8.49
N VAL D 67 43.66 -29.84 -8.17
CA VAL D 67 43.10 -29.79 -6.83
C VAL D 67 43.45 -31.15 -6.17
N ASN D 68 43.28 -32.28 -6.91
CA ASN D 68 43.63 -33.63 -6.45
C ASN D 68 45.12 -33.83 -6.27
N ILE D 69 45.90 -33.05 -6.98
CA ILE D 69 47.33 -33.16 -6.89
C ILE D 69 47.81 -32.49 -5.64
N LEU D 70 47.12 -31.46 -5.16
CA LEU D 70 47.54 -30.81 -3.93
C LEU D 70 46.84 -31.36 -2.71
N LYS D 71 45.76 -32.08 -2.92
CA LYS D 71 45.00 -32.60 -1.81
C LYS D 71 46.00 -33.41 -1.03
N GLN D 72 46.63 -34.33 -1.73
CA GLN D 72 47.65 -35.21 -1.21
C GLN D 72 48.81 -34.48 -0.56
N LEU D 73 49.58 -33.77 -1.37
CA LEU D 73 50.88 -33.27 -0.99
C LEU D 73 51.16 -32.93 0.44
N SER D 74 50.33 -32.11 1.06
CA SER D 74 50.58 -31.75 2.43
C SER D 74 49.33 -31.91 3.28
N GLU D 75 49.44 -31.65 4.56
CA GLU D 75 48.29 -31.77 5.44
C GLU D 75 47.66 -30.40 5.58
N ASP D 76 48.48 -29.39 5.71
CA ASP D 76 47.96 -28.05 5.86
C ASP D 76 47.15 -27.61 4.65
N TRP D 77 47.14 -28.45 3.62
CA TRP D 77 46.43 -28.17 2.39
C TRP D 77 45.24 -29.07 2.21
N GLU D 78 44.04 -28.50 2.36
CA GLU D 78 42.84 -29.25 2.10
C GLU D 78 42.07 -28.64 0.94
N VAL D 79 41.22 -29.47 0.30
CA VAL D 79 40.50 -29.06 -0.89
C VAL D 79 38.99 -29.13 -0.69
N VAL D 80 38.26 -28.27 -1.43
CA VAL D 80 36.79 -28.20 -1.44
C VAL D 80 36.35 -28.35 -2.91
N PRO D 81 35.79 -29.50 -3.31
CA PRO D 81 35.43 -29.68 -4.71
C PRO D 81 34.15 -28.95 -5.14
N GLU D 82 33.90 -28.95 -6.45
CA GLU D 82 32.74 -28.30 -7.04
C GLU D 82 31.51 -29.16 -6.81
N PRO D 83 30.47 -28.62 -6.13
CA PRO D 83 29.25 -29.41 -5.90
C PRO D 83 28.52 -29.73 -7.20
N VAL D 84 28.43 -28.70 -8.08
CA VAL D 84 27.82 -28.67 -9.42
C VAL D 84 28.46 -29.79 -10.32
N ALA D 85 29.71 -30.20 -10.00
CA ALA D 85 30.48 -31.26 -10.66
C ALA D 85 30.15 -32.61 -10.02
N ARG D 86 29.89 -32.61 -8.69
CA ARG D 86 29.60 -33.80 -7.91
C ARG D 86 28.12 -34.29 -8.00
N TRP D 87 27.45 -34.14 -9.18
CA TRP D 87 26.08 -34.61 -9.37
C TRP D 87 25.97 -35.68 -10.47
N GLN D 104 22.55 -37.85 0.74
CA GLN D 104 23.37 -36.66 0.89
C GLN D 104 23.33 -35.87 -0.40
N LYS D 105 22.88 -34.62 -0.36
CA LYS D 105 22.77 -33.82 -1.57
C LYS D 105 21.97 -34.64 -2.54
N ASN D 106 20.82 -35.08 -2.07
CA ASN D 106 19.91 -35.93 -2.81
C ASN D 106 19.37 -35.37 -4.12
N GLY D 107 19.05 -34.09 -4.17
CA GLY D 107 18.50 -33.53 -5.38
C GLY D 107 19.51 -33.14 -6.43
N GLY D 108 20.13 -34.16 -7.03
CA GLY D 108 21.13 -33.98 -8.07
C GLY D 108 20.64 -34.31 -9.45
N ASN D 109 19.35 -34.59 -9.57
CA ASN D 109 18.74 -34.89 -10.85
C ASN D 109 18.83 -33.68 -11.73
N VAL D 110 18.60 -32.53 -11.12
CA VAL D 110 18.56 -31.30 -11.86
C VAL D 110 19.66 -31.28 -12.90
N LEU D 111 20.82 -31.82 -12.58
CA LEU D 111 21.87 -31.76 -13.59
C LEU D 111 21.30 -32.42 -14.84
N GLN D 112 20.64 -33.57 -14.65
CA GLN D 112 20.01 -34.28 -15.74
C GLN D 112 18.90 -33.43 -16.30
N MET D 113 18.14 -32.76 -15.46
CA MET D 113 17.07 -31.91 -15.94
C MET D 113 17.63 -30.79 -16.79
N MET D 114 18.73 -30.19 -16.38
CA MET D 114 19.30 -29.14 -17.20
C MET D 114 19.78 -29.67 -18.52
N TYR D 115 20.35 -30.85 -18.55
CA TYR D 115 20.82 -31.39 -19.82
C TYR D 115 19.65 -31.54 -20.79
N GLU D 116 18.54 -32.04 -20.29
CA GLU D 116 17.30 -32.25 -21.06
C GLU D 116 16.74 -30.98 -21.75
N LYS D 117 16.46 -29.89 -20.99
CA LYS D 117 15.91 -28.63 -21.51
C LYS D 117 16.69 -27.49 -20.84
N PRO D 118 17.80 -27.04 -21.44
CA PRO D 118 18.63 -26.02 -20.78
C PRO D 118 17.98 -24.64 -20.64
N GLU D 119 16.98 -24.39 -21.47
CA GLU D 119 16.25 -23.12 -21.52
C GLU D 119 15.40 -22.88 -20.29
N ARG D 120 14.81 -23.95 -19.77
CA ARG D 120 13.90 -23.91 -18.65
C ARG D 120 14.63 -23.94 -17.30
N TRP D 121 15.56 -24.86 -17.13
CA TRP D 121 16.17 -25.08 -15.83
C TRP D 121 17.43 -24.26 -15.51
N SER D 122 17.85 -23.35 -16.36
CA SER D 122 19.10 -22.66 -16.07
C SER D 122 19.09 -21.93 -14.77
N PHE D 123 18.07 -21.14 -14.50
CA PHE D 123 17.99 -20.46 -13.19
C PHE D 123 17.98 -21.48 -12.04
N THR D 124 16.86 -22.26 -11.91
CA THR D 124 16.64 -23.28 -10.87
C THR D 124 18.00 -23.91 -10.46
N PHE D 125 18.74 -24.42 -11.47
CA PHE D 125 20.06 -25.05 -11.36
C PHE D 125 21.11 -24.12 -10.79
N GLN D 126 21.46 -23.03 -11.50
CA GLN D 126 22.50 -22.08 -11.10
C GLN D 126 22.32 -21.49 -9.69
N THR D 127 21.07 -21.48 -9.16
CA THR D 127 20.78 -20.99 -7.82
C THR D 127 21.21 -22.06 -6.79
N TYR D 128 20.79 -23.34 -6.97
CA TYR D 128 21.18 -24.46 -6.07
C TYR D 128 22.68 -24.80 -6.27
N ALA D 129 23.23 -24.54 -7.47
CA ALA D 129 24.63 -24.79 -7.82
C ALA D 129 25.55 -23.88 -7.00
N CYS D 130 25.13 -22.61 -6.79
CA CYS D 130 25.86 -21.61 -6.01
C CYS D 130 25.53 -21.75 -4.55
N LEU D 131 24.26 -22.16 -4.19
CA LEU D 131 23.86 -22.39 -2.79
C LEU D 131 24.74 -23.50 -2.25
N SER D 132 24.82 -24.61 -2.93
CA SER D 132 25.60 -25.70 -2.39
C SER D 132 27.04 -25.29 -2.19
N ARG D 133 27.58 -24.55 -3.12
CA ARG D 133 28.96 -24.08 -2.98
C ARG D 133 29.13 -23.37 -1.61
N ILE D 134 28.40 -22.26 -1.35
CA ILE D 134 28.46 -21.53 -0.06
C ILE D 134 28.47 -22.54 1.10
N ARG D 135 27.51 -23.45 1.08
CA ARG D 135 27.37 -24.47 2.10
C ARG D 135 28.52 -25.45 2.18
N ALA D 136 29.05 -25.86 1.05
CA ALA D 136 30.20 -26.76 0.97
C ALA D 136 31.47 -26.11 1.52
N GLN D 137 31.71 -24.84 1.13
CA GLN D 137 32.87 -24.04 1.48
C GLN D 137 32.86 -23.55 2.94
N LEU D 138 31.68 -23.13 3.48
CA LEU D 138 31.50 -22.70 4.89
C LEU D 138 31.81 -23.85 5.86
N ALA D 139 31.48 -25.09 5.48
CA ALA D 139 31.71 -26.27 6.31
C ALA D 139 33.16 -26.75 6.27
N SER D 140 33.85 -26.57 5.12
CA SER D 140 35.27 -26.95 4.96
C SER D 140 36.16 -26.01 5.74
N LEU D 141 35.64 -24.79 5.98
CA LEU D 141 36.23 -23.71 6.77
C LEU D 141 36.13 -23.99 8.29
N ASN D 142 35.56 -25.17 8.70
CA ASN D 142 35.41 -25.63 10.09
C ASN D 142 36.18 -26.96 10.38
N GLY D 143 36.77 -27.52 9.31
CA GLY D 143 37.56 -28.76 9.31
C GLY D 143 38.89 -28.73 10.04
N LYS D 144 39.63 -29.85 9.96
CA LYS D 144 40.91 -30.12 10.63
C LYS D 144 41.99 -29.04 10.47
N LEU D 145 41.85 -28.12 9.47
CA LEU D 145 42.79 -27.02 9.21
C LEU D 145 42.86 -25.99 10.35
N LYS D 146 41.82 -25.97 11.21
CA LYS D 146 41.68 -25.10 12.39
C LYS D 146 42.87 -25.20 13.40
N ASP D 147 43.82 -26.14 13.16
CA ASP D 147 44.98 -26.38 14.03
C ASP D 147 46.34 -26.44 13.29
N ALA D 148 46.33 -26.52 11.94
CA ALA D 148 47.53 -26.56 11.08
C ALA D 148 48.30 -25.22 11.17
N GLU D 149 49.64 -25.28 11.05
CA GLU D 149 50.54 -24.11 11.12
C GLU D 149 50.21 -23.04 10.08
N LYS D 150 50.31 -23.38 8.77
CA LYS D 150 49.97 -22.50 7.64
C LYS D 150 48.80 -23.15 6.85
N PRO D 151 47.53 -23.05 7.34
CA PRO D 151 46.43 -23.73 6.67
C PRO D 151 45.95 -23.07 5.40
N VAL D 152 45.94 -23.83 4.28
CA VAL D 152 45.50 -23.31 2.96
C VAL D 152 44.33 -24.17 2.46
N LEU D 153 43.16 -23.54 2.19
CA LEU D 153 41.98 -24.25 1.69
C LEU D 153 41.76 -23.95 0.18
N PHE D 154 42.05 -24.94 -0.72
CA PHE D 154 41.91 -24.74 -2.18
C PHE D 154 40.48 -25.13 -2.65
N PHE D 155 39.73 -24.17 -3.26
CA PHE D 155 38.34 -24.32 -3.75
C PHE D 155 38.26 -24.56 -5.29
N GLU D 156 37.64 -25.68 -5.72
CA GLU D 156 37.45 -25.95 -7.17
C GLU D 156 36.41 -24.94 -7.66
N ARG D 157 36.85 -23.80 -8.20
CA ARG D 157 36.02 -22.67 -8.65
C ARG D 157 35.39 -21.91 -7.45
N SER D 158 34.90 -20.68 -7.73
CA SER D 158 34.34 -19.77 -6.71
C SER D 158 32.89 -19.28 -6.96
N VAL D 159 32.31 -18.59 -5.95
CA VAL D 159 30.98 -17.93 -6.02
C VAL D 159 30.99 -16.86 -7.13
N TYR D 160 32.19 -16.31 -7.47
CA TYR D 160 32.39 -15.28 -8.50
C TYR D 160 32.40 -15.88 -9.88
N SER D 161 33.12 -17.01 -10.08
CA SER D 161 33.16 -17.74 -11.37
C SER D 161 31.80 -18.28 -11.74
N ASP D 162 31.01 -18.69 -10.73
CA ASP D 162 29.64 -19.19 -10.87
C ASP D 162 28.71 -18.11 -11.51
N ARG D 163 28.80 -16.87 -11.05
CA ARG D 163 27.95 -15.84 -11.61
C ARG D 163 28.55 -15.01 -12.72
N TYR D 164 29.74 -14.50 -12.51
CA TYR D 164 30.41 -13.67 -13.51
C TYR D 164 30.98 -14.39 -14.75
N ILE D 165 30.81 -15.71 -14.88
CA ILE D 165 31.29 -16.44 -16.05
C ILE D 165 30.20 -17.35 -16.62
N PHE D 166 29.61 -18.22 -15.78
CA PHE D 166 28.63 -19.23 -16.19
C PHE D 166 27.18 -18.69 -16.27
N ALA D 167 26.58 -18.24 -15.15
CA ALA D 167 25.23 -17.63 -15.10
C ALA D 167 25.18 -16.39 -16.02
N SER D 168 26.30 -15.63 -16.14
CA SER D 168 26.43 -14.49 -17.04
C SER D 168 26.26 -15.00 -18.48
N ASN D 169 27.13 -15.94 -18.90
CA ASN D 169 27.09 -16.59 -20.20
C ASN D 169 25.71 -17.18 -20.50
N LEU D 170 25.03 -17.81 -19.51
CA LEU D 170 23.69 -18.37 -19.71
C LEU D 170 22.66 -17.29 -20.05
N TYR D 171 22.81 -16.08 -19.48
CA TYR D 171 21.91 -14.97 -19.77
C TYR D 171 22.27 -14.41 -21.13
N GLU D 172 23.59 -14.37 -21.44
CA GLU D 172 24.15 -13.92 -22.73
C GLU D 172 23.84 -14.97 -23.85
N SER D 173 23.43 -16.21 -23.46
CA SER D 173 23.05 -17.30 -24.37
C SER D 173 21.53 -17.47 -24.39
N GLU D 174 20.78 -16.47 -23.89
CA GLU D 174 19.32 -16.45 -23.83
C GLU D 174 18.68 -17.58 -22.93
N CYS D 175 19.48 -18.46 -22.28
CA CYS D 175 19.01 -19.55 -21.39
C CYS D 175 18.27 -19.05 -20.14
N MET D 176 18.65 -17.87 -19.65
CA MET D 176 18.04 -17.16 -18.54
C MET D 176 17.48 -15.88 -19.14
N ASN D 177 16.18 -15.66 -18.94
CA ASN D 177 15.54 -14.45 -19.42
C ASN D 177 15.94 -13.28 -18.52
N GLU D 178 15.60 -12.05 -18.92
CA GLU D 178 15.93 -10.83 -18.19
C GLU D 178 15.60 -10.91 -16.68
N THR D 179 14.33 -11.25 -16.35
CA THR D 179 13.80 -11.40 -14.99
C THR D 179 14.65 -12.40 -14.19
N GLU D 180 14.91 -13.60 -14.77
CA GLU D 180 15.69 -14.69 -14.18
C GLU D 180 17.08 -14.15 -13.85
N TRP D 181 17.61 -13.29 -14.74
CA TRP D 181 18.93 -12.72 -14.56
C TRP D 181 18.94 -11.63 -13.49
N THR D 182 17.86 -10.85 -13.39
CA THR D 182 17.79 -9.80 -12.36
C THR D 182 17.60 -10.43 -10.97
N ILE D 183 16.71 -11.47 -10.85
CA ILE D 183 16.48 -12.21 -9.61
C ILE D 183 17.76 -12.89 -9.16
N TYR D 184 18.55 -13.50 -10.11
CA TYR D 184 19.81 -14.21 -9.78
C TYR D 184 20.79 -13.31 -9.10
N GLN D 185 21.08 -12.17 -9.69
CA GLN D 185 22.05 -11.21 -9.20
C GLN D 185 21.60 -10.53 -7.93
N ASP D 186 20.31 -10.21 -7.81
CA ASP D 186 19.77 -9.59 -6.60
C ASP D 186 20.01 -10.59 -5.44
N TRP D 187 19.72 -11.88 -5.72
CA TRP D 187 19.87 -13.04 -4.87
C TRP D 187 21.33 -13.18 -4.49
N HIS D 188 22.21 -13.29 -5.50
CA HIS D 188 23.65 -13.48 -5.43
C HIS D 188 24.37 -12.44 -4.61
N ASP D 189 23.94 -11.18 -4.68
CA ASP D 189 24.60 -10.14 -3.92
C ASP D 189 24.20 -10.22 -2.45
N TRP D 190 22.99 -10.73 -2.19
CA TRP D 190 22.52 -10.88 -0.82
C TRP D 190 22.98 -12.19 -0.16
N MET D 191 23.05 -13.26 -0.95
CA MET D 191 23.50 -14.55 -0.46
C MET D 191 24.95 -14.44 0.01
N ASN D 192 25.77 -13.83 -0.80
CA ASN D 192 27.16 -13.63 -0.48
C ASN D 192 27.43 -12.64 0.62
N ASN D 193 26.66 -11.57 0.65
CA ASN D 193 26.87 -10.54 1.63
C ASN D 193 26.69 -10.98 3.07
N GLN D 194 25.72 -11.83 3.34
CA GLN D 194 25.53 -12.26 4.69
C GLN D 194 26.27 -13.53 5.04
N PHE D 195 25.87 -14.62 4.39
CA PHE D 195 26.43 -15.97 4.59
C PHE D 195 27.85 -16.16 4.06
N GLY D 196 28.20 -15.48 2.98
CA GLY D 196 29.54 -15.49 2.40
C GLY D 196 30.39 -14.32 2.89
N GLN D 197 30.02 -13.72 4.08
CA GLN D 197 30.69 -12.58 4.72
C GLN D 197 32.18 -12.80 4.98
N SER D 198 32.65 -14.08 5.03
CA SER D 198 34.05 -14.46 5.24
C SER D 198 34.38 -15.82 4.60
N LEU D 199 34.30 -15.82 3.28
CA LEU D 199 34.65 -16.88 2.35
C LEU D 199 35.53 -16.15 1.31
N GLU D 200 35.96 -14.91 1.68
CA GLU D 200 36.76 -13.96 0.91
C GLU D 200 38.06 -14.59 0.44
N LEU D 201 38.28 -14.63 -0.88
CA LEU D 201 39.49 -15.21 -1.42
C LEU D 201 40.69 -14.36 -1.13
N ASP D 202 41.83 -15.03 -0.84
CA ASP D 202 43.11 -14.43 -0.56
C ASP D 202 44.02 -14.46 -1.81
N GLY D 203 43.66 -15.28 -2.79
CA GLY D 203 44.37 -15.43 -4.06
C GLY D 203 43.64 -16.28 -5.07
N ILE D 204 43.99 -16.18 -6.37
CA ILE D 204 43.35 -17.00 -7.40
C ILE D 204 44.39 -17.72 -8.26
N ILE D 205 44.17 -19.02 -8.52
CA ILE D 205 45.06 -19.77 -9.38
C ILE D 205 44.31 -19.99 -10.72
N TYR D 206 44.57 -19.12 -11.75
CA TYR D 206 43.92 -19.23 -13.07
C TYR D 206 44.61 -20.31 -13.88
N LEU D 207 43.95 -21.48 -14.09
CA LEU D 207 44.53 -22.55 -14.93
C LEU D 207 44.24 -22.25 -16.42
N GLN D 208 45.15 -21.46 -17.00
CA GLN D 208 45.14 -20.97 -18.36
C GLN D 208 45.33 -22.11 -19.34
N ALA D 209 44.33 -22.33 -20.18
CA ALA D 209 44.36 -23.33 -21.23
C ALA D 209 43.56 -22.77 -22.40
N THR D 210 44.03 -23.01 -23.65
CA THR D 210 43.35 -22.60 -24.87
C THR D 210 42.02 -23.35 -24.98
N PRO D 211 40.97 -22.86 -25.67
CA PRO D 211 39.73 -23.64 -25.75
C PRO D 211 39.89 -24.89 -26.60
N GLU D 212 41.02 -25.00 -27.32
CA GLU D 212 41.43 -26.14 -28.14
C GLU D 212 41.76 -27.31 -27.22
N THR D 213 42.74 -27.09 -26.30
CA THR D 213 43.20 -28.01 -25.25
C THR D 213 41.98 -28.41 -24.42
N CYS D 214 41.12 -27.45 -24.09
CA CYS D 214 39.90 -27.68 -23.34
C CYS D 214 38.93 -28.56 -24.08
N LEU D 215 38.81 -28.46 -25.43
CA LEU D 215 37.90 -29.35 -26.17
C LEU D 215 38.53 -30.73 -26.32
N HIS D 216 39.87 -30.81 -26.34
CA HIS D 216 40.51 -32.11 -26.42
C HIS D 216 40.35 -32.85 -25.11
N ARG D 217 40.51 -32.12 -23.99
CA ARG D 217 40.38 -32.70 -22.65
C ARG D 217 38.91 -33.10 -22.33
N ILE D 218 37.92 -32.55 -23.06
CA ILE D 218 36.52 -32.94 -22.91
C ILE D 218 36.40 -34.41 -23.36
N TYR D 219 37.01 -34.76 -24.52
CA TYR D 219 37.01 -36.12 -25.10
C TYR D 219 37.77 -37.10 -24.23
N LEU D 220 38.83 -36.62 -23.52
CA LEU D 220 39.61 -37.44 -22.58
C LEU D 220 38.76 -37.68 -21.33
N ARG D 221 37.96 -36.67 -20.91
CA ARG D 221 37.06 -36.75 -19.75
C ARG D 221 35.94 -37.77 -19.95
N GLY D 222 35.70 -38.16 -21.20
CA GLY D 222 34.71 -39.16 -21.57
C GLY D 222 33.24 -38.77 -21.56
N ARG D 223 32.81 -38.07 -20.52
CA ARG D 223 31.38 -37.93 -20.32
C ARG D 223 30.67 -37.76 -21.62
N ASN D 224 29.71 -38.64 -21.81
CA ASN D 224 28.88 -38.62 -23.02
C ASN D 224 27.90 -37.43 -23.05
N GLU D 225 27.54 -36.91 -21.85
CA GLU D 225 26.61 -35.80 -21.59
C GLU D 225 27.07 -34.44 -22.16
N GLU D 226 28.40 -34.26 -22.30
CA GLU D 226 29.11 -33.04 -22.75
C GLU D 226 29.96 -33.23 -24.04
N GLN D 227 30.07 -34.46 -24.60
CA GLN D 227 30.94 -34.75 -25.74
C GLN D 227 30.73 -33.91 -27.02
N GLY D 228 29.69 -33.07 -27.05
CA GLY D 228 29.40 -32.24 -28.21
C GLY D 228 29.56 -30.75 -28.03
N ILE D 229 30.31 -30.31 -26.96
CA ILE D 229 30.55 -28.88 -26.66
C ILE D 229 31.31 -28.24 -27.86
N PRO D 230 30.77 -27.21 -28.55
CA PRO D 230 31.52 -26.66 -29.69
C PRO D 230 32.64 -25.76 -29.24
N LEU D 231 33.67 -25.57 -30.10
CA LEU D 231 34.79 -24.70 -29.79
C LEU D 231 34.27 -23.30 -29.49
N GLU D 232 33.18 -22.87 -30.18
CA GLU D 232 32.53 -21.57 -29.99
C GLU D 232 32.00 -21.36 -28.56
N TYR D 233 31.62 -22.47 -27.84
CA TYR D 233 31.14 -22.35 -26.47
C TYR D 233 32.35 -21.96 -25.65
N LEU D 234 33.30 -22.92 -25.49
CA LEU D 234 34.55 -22.79 -24.71
C LEU D 234 35.37 -21.56 -25.06
N GLU D 235 35.40 -21.12 -26.34
CA GLU D 235 36.12 -19.89 -26.65
C GLU D 235 35.39 -18.72 -25.97
N LYS D 236 34.05 -18.61 -26.13
CA LYS D 236 33.25 -17.54 -25.52
C LYS D 236 33.40 -17.52 -23.98
N LEU D 237 33.69 -18.72 -23.36
CA LEU D 237 33.93 -18.93 -21.92
C LEU D 237 35.38 -18.60 -21.55
N HIS D 238 36.31 -18.78 -22.50
CA HIS D 238 37.73 -18.51 -22.32
C HIS D 238 37.92 -17.01 -22.28
N TYR D 239 37.26 -16.29 -23.18
CA TYR D 239 37.37 -14.84 -23.22
C TYR D 239 36.82 -14.23 -21.95
N LYS D 240 35.68 -14.79 -21.43
CA LYS D 240 35.03 -14.36 -20.18
C LYS D 240 36.03 -14.42 -19.01
N HIS D 241 36.95 -15.43 -19.06
CA HIS D 241 37.99 -15.70 -18.07
C HIS D 241 39.12 -14.72 -18.20
N GLU D 242 39.73 -14.63 -19.39
CA GLU D 242 40.79 -13.67 -19.69
C GLU D 242 40.38 -12.23 -19.32
N SER D 243 39.09 -11.85 -19.57
CA SER D 243 38.49 -10.57 -19.19
C SER D 243 38.53 -10.40 -17.67
N TRP D 244 38.26 -11.49 -16.91
CA TRP D 244 38.27 -11.47 -15.46
C TRP D 244 39.68 -11.52 -14.86
N LEU D 245 40.34 -12.69 -14.93
CA LEU D 245 41.62 -12.99 -14.28
C LEU D 245 42.85 -12.37 -14.95
N LEU D 246 43.07 -12.62 -16.26
CA LEU D 246 44.26 -12.12 -16.94
C LEU D 246 44.28 -10.61 -17.10
N HIS D 247 43.50 -10.06 -18.07
CA HIS D 247 43.40 -8.63 -18.40
C HIS D 247 42.80 -7.78 -17.26
N ARG D 248 42.07 -8.40 -16.32
CA ARG D 248 41.43 -7.78 -15.15
C ARG D 248 40.55 -6.60 -15.53
N THR D 249 39.80 -6.74 -16.65
CA THR D 249 38.89 -5.69 -17.18
C THR D 249 37.43 -5.82 -16.72
N LEU D 250 36.97 -7.04 -16.33
CA LEU D 250 35.58 -7.36 -15.91
C LEU D 250 35.14 -6.62 -14.66
N LYS D 251 33.89 -6.13 -14.69
CA LYS D 251 33.29 -5.37 -13.59
C LYS D 251 32.45 -6.22 -12.57
N THR D 252 33.12 -6.66 -11.45
CA THR D 252 32.50 -7.41 -10.34
C THR D 252 31.94 -6.42 -9.30
N ASN D 253 30.85 -6.83 -8.62
CA ASN D 253 30.15 -6.08 -7.59
C ASN D 253 30.86 -6.26 -6.24
N PHE D 254 32.03 -6.92 -6.25
CA PHE D 254 32.85 -7.20 -5.08
C PHE D 254 34.17 -6.44 -5.22
N ASP D 255 34.15 -5.20 -4.70
CA ASP D 255 35.22 -4.20 -4.72
C ASP D 255 36.62 -4.74 -4.40
N TYR D 256 36.70 -5.65 -3.41
CA TYR D 256 37.94 -6.30 -2.98
C TYR D 256 38.56 -7.17 -4.07
N LEU D 257 37.72 -7.66 -5.04
CA LEU D 257 38.16 -8.52 -6.16
C LEU D 257 39.11 -7.85 -7.14
N GLN D 258 39.10 -6.51 -7.21
CA GLN D 258 40.01 -5.75 -8.07
C GLN D 258 41.49 -5.86 -7.60
N GLU D 259 41.73 -6.24 -6.31
CA GLU D 259 43.06 -6.38 -5.69
C GLU D 259 43.55 -7.81 -5.37
N VAL D 260 42.68 -8.83 -5.50
CA VAL D 260 43.02 -10.23 -5.18
C VAL D 260 44.16 -10.80 -6.09
N PRO D 261 45.36 -11.10 -5.52
CA PRO D 261 46.47 -11.66 -6.33
C PRO D 261 46.16 -12.86 -7.26
N ILE D 262 46.45 -12.75 -8.58
CA ILE D 262 46.13 -13.86 -9.50
C ILE D 262 47.38 -14.55 -10.11
N LEU D 263 47.64 -15.81 -9.70
CA LEU D 263 48.74 -16.63 -10.27
C LEU D 263 48.14 -17.36 -11.47
N THR D 264 48.71 -17.12 -12.68
CA THR D 264 48.27 -17.73 -13.93
C THR D 264 49.16 -18.89 -14.19
N LEU D 265 48.60 -20.05 -14.42
CA LEU D 265 49.39 -21.24 -14.66
C LEU D 265 48.99 -21.84 -16.00
N ASP D 266 49.91 -21.81 -17.00
CA ASP D 266 49.65 -22.30 -18.36
C ASP D 266 49.58 -23.81 -18.40
N VAL D 267 48.38 -24.36 -18.19
CA VAL D 267 48.17 -25.81 -18.18
C VAL D 267 47.89 -26.41 -19.57
N ASN D 268 48.38 -25.77 -20.66
CA ASN D 268 48.19 -26.29 -22.03
C ASN D 268 49.04 -27.55 -22.26
N GLU D 269 50.05 -27.73 -21.40
CA GLU D 269 50.98 -28.86 -21.39
C GLU D 269 50.48 -29.84 -20.35
N ASP D 270 50.50 -31.17 -20.66
CA ASP D 270 50.03 -32.20 -19.72
C ASP D 270 50.84 -32.21 -18.41
N PHE D 271 50.31 -31.49 -17.40
CA PHE D 271 50.89 -31.36 -16.06
C PHE D 271 50.68 -32.61 -15.17
N LYS D 272 49.62 -33.43 -15.45
CA LYS D 272 49.19 -34.63 -14.74
C LYS D 272 50.32 -35.48 -14.16
N ASP D 273 51.47 -35.58 -14.87
CA ASP D 273 52.65 -36.40 -14.48
C ASP D 273 53.98 -35.60 -14.51
N LYS D 274 53.88 -34.27 -14.36
CA LYS D 274 55.00 -33.32 -14.34
C LYS D 274 54.51 -32.07 -13.59
N TYR D 275 53.65 -32.30 -12.58
CA TYR D 275 53.02 -31.31 -11.72
C TYR D 275 54.01 -30.56 -10.84
N GLU D 276 55.04 -31.27 -10.34
CA GLU D 276 56.12 -30.79 -9.45
C GLU D 276 56.53 -29.32 -9.66
N SER D 277 56.62 -28.89 -10.91
CA SER D 277 56.94 -27.49 -11.21
C SER D 277 55.83 -26.45 -10.90
N LEU D 278 54.60 -26.71 -11.37
CA LEU D 278 53.44 -25.86 -11.09
C LEU D 278 53.24 -25.63 -9.57
N VAL D 279 53.46 -26.70 -8.79
CA VAL D 279 53.36 -26.72 -7.33
C VAL D 279 54.46 -25.82 -6.70
N GLU D 280 55.53 -25.52 -7.45
CA GLU D 280 56.56 -24.63 -6.93
C GLU D 280 56.07 -23.19 -6.97
N LYS D 281 55.60 -22.74 -8.16
CA LYS D 281 55.06 -21.39 -8.42
C LYS D 281 53.81 -21.08 -7.55
N VAL D 282 53.14 -22.13 -7.00
CA VAL D 282 51.99 -22.06 -6.06
C VAL D 282 52.57 -21.79 -4.65
N LYS D 283 53.50 -22.69 -4.18
CA LYS D 283 54.18 -22.62 -2.87
C LYS D 283 55.05 -21.36 -2.76
N GLU D 284 55.18 -20.67 -3.88
CA GLU D 284 55.88 -19.41 -3.96
C GLU D 284 54.85 -18.29 -3.86
N PHE D 285 53.76 -18.43 -4.61
CA PHE D 285 52.66 -17.48 -4.63
C PHE D 285 52.04 -17.36 -3.25
N LEU D 286 52.04 -18.47 -2.49
CA LEU D 286 51.50 -18.55 -1.14
C LEU D 286 52.40 -17.88 -0.08
N SER D 287 53.62 -17.46 -0.46
CA SER D 287 54.57 -16.75 0.42
C SER D 287 54.22 -15.24 0.43
N THR D 288 53.86 -14.70 -0.76
CA THR D 288 53.42 -13.31 -0.97
C THR D 288 52.10 -13.12 -0.25
N LEU D 289 51.32 -14.22 -0.16
CA LEU D 289 50.04 -14.33 0.52
C LEU D 289 50.26 -14.80 1.98
N1 UDP E . -11.50 3.86 -27.22
C2 UDP E . -11.06 3.38 -28.44
N3 UDP E . -9.85 3.89 -28.85
C4 UDP E . -9.07 4.81 -28.20
C5 UDP E . -9.59 5.27 -26.95
C6 UDP E . -10.77 4.79 -26.50
O2 UDP E . -11.68 2.57 -29.10
O4 UDP E . -7.98 5.15 -28.69
C1' UDP E . -12.84 3.43 -26.76
C2' UDP E . -12.87 2.78 -25.37
O2' UDP E . -12.66 1.37 -25.40
C3' UDP E . -14.28 3.15 -24.88
C4' UDP E . -14.53 4.51 -25.53
O4' UDP E . -13.66 4.58 -26.68
O3' UDP E . -15.29 2.21 -25.24
C5' UDP E . -14.34 5.72 -24.66
O5' UDP E . -13.01 5.71 -24.10
PA UDP E . -12.75 5.65 -22.55
O1A UDP E . -11.24 5.70 -22.34
O2A UDP E . -13.29 4.41 -21.96
O3A UDP E . -13.43 6.91 -21.86
PB UDP E . -12.95 8.06 -20.87
O1B UDP E . -11.99 8.95 -21.67
O2B UDP E . -12.33 7.50 -19.65
O3B UDP E . -14.19 8.90 -20.53
CBE G65 F . -32.43 21.64 -18.46
CBF G65 F . -33.12 22.23 -17.22
NBG G65 F . -32.78 23.65 -16.98
CBJ G65 F . -33.13 23.98 -15.60
CBH G65 F . -31.37 24.02 -17.13
CBI G65 F . -30.78 23.43 -18.40
NBD G65 F . -30.99 21.97 -18.46
CBC G65 F . -30.33 21.46 -19.67
CAZ G65 F . -29.37 20.47 -19.38
CBA G65 F . -29.71 19.13 -19.62
CBB G65 F . -28.78 18.14 -19.32
CAY G65 F . -28.12 20.82 -18.88
CAX G65 F . -27.19 19.83 -18.58
CAV G65 F . -27.53 18.49 -18.80
CAU G65 F . -26.61 17.49 -18.49
OAW G65 F . -25.51 17.47 -19.04
NAT G65 F . -27.06 16.60 -17.57
CAO G65 F . -26.27 15.60 -17.16
CAN G65 F . -25.14 15.84 -16.37
CAP G65 F . -26.63 14.28 -17.46
CAQ G65 F . -25.81 13.25 -17.00
CAR G65 F . -24.68 13.49 -16.22
CAS G65 F . -23.97 12.36 -15.82
CAM G65 F . -24.29 14.82 -15.96
NAL G65 F . -23.26 15.14 -15.14
CAJ G65 F . -21.97 14.93 -15.39
NAK G65 F . -21.02 15.01 -14.44
SAI G65 F . -21.22 14.45 -16.84
CAH G65 F . -19.67 14.34 -16.15
CAG G65 F . -19.76 14.69 -14.85
CAF G65 F . -18.70 14.72 -14.00
CAA G65 F . -17.53 13.98 -14.25
CAB G65 F . -16.46 14.01 -13.36
CAC G65 F . -16.52 14.75 -12.18
NAD G65 F . -17.68 15.50 -11.90
CAE G65 F . -18.75 15.46 -12.82
N1 UDP G . -36.52 32.48 26.41
C2 UDP G . -37.37 32.76 27.47
N3 UDP G . -36.98 32.26 28.69
C4 UDP G . -35.87 31.49 28.95
C5 UDP G . -35.04 31.20 27.80
C6 UDP G . -35.38 31.69 26.60
O2 UDP G . -38.44 33.36 27.33
O4 UDP G . -35.64 31.12 30.11
C1' UDP G . -36.86 33.00 25.07
C2' UDP G . -35.87 34.04 24.54
O2' UDP G . -36.24 35.36 24.94
C3' UDP G . -36.00 33.85 23.02
C4' UDP G . -36.42 32.39 22.86
O4' UDP G . -36.82 31.92 24.17
O3' UDP G . -36.93 34.72 22.40
C5' UDP G . -35.38 31.46 22.30
O5' UDP G . -34.28 31.40 23.23
PA UDP G . -32.86 30.78 22.86
O1A UDP G . -32.38 31.37 21.51
O2A UDP G . -31.84 31.01 23.90
O3A UDP G . -33.07 29.22 22.57
PB UDP G . -32.35 28.17 21.62
O1B UDP G . -30.91 28.59 21.36
O2B UDP G . -32.52 26.80 22.30
O3B UDP G . -33.12 28.10 20.32
N1 DCM H . -31.33 23.47 12.86
C2 DCM H . -31.51 22.46 11.89
N3 DCM H . -30.58 21.47 11.81
C4 DCM H . -29.54 21.42 12.67
C5 DCM H . -29.36 22.41 13.68
C6 DCM H . -30.27 23.40 13.75
O2 DCM H . -32.53 22.47 11.18
N4 DCM H . -28.65 20.45 12.52
C1' DCM H . -32.23 24.66 12.83
C2' DCM H . -33.59 24.42 13.45
C3' DCM H . -33.98 25.82 13.92
C4' DCM H . -32.64 26.43 14.32
O4' DCM H . -31.62 25.69 13.62
O3' DCM H . -34.63 26.57 12.88
C5' DCM H . -32.36 26.42 15.81
O5' DCM H . -31.33 27.37 16.15
P DCM H . -30.99 27.72 17.72
O1P DCM H . -31.61 29.09 18.01
O2P DCM H . -29.44 27.89 17.83
O3P DCM H . -31.55 26.63 18.59
MG MG I . -0.31 -6.56 0.27
N1 UDP J . -10.86 -4.05 2.28
C2 UDP J . -12.17 -3.65 2.48
N3 UDP J . -12.59 -3.67 3.79
C4 UDP J . -11.84 -4.05 4.90
C5 UDP J . -10.50 -4.47 4.60
C6 UDP J . -10.06 -4.46 3.34
O2 UDP J . -12.93 -3.35 1.57
O4 UDP J . -12.35 -4.00 6.02
C1' UDP J . -10.33 -4.04 0.90
C2' UDP J . -9.10 -3.16 0.71
O2' UDP J . -9.45 -1.80 0.42
C3' UDP J . -8.39 -3.84 -0.46
C4' UDP J . -8.81 -5.31 -0.33
O4' UDP J . -9.91 -5.35 0.59
O3' UDP J . -8.74 -3.32 -1.73
C5' UDP J . -7.75 -6.28 0.11
O5' UDP J . -7.24 -5.89 1.41
PA UDP J . -5.74 -5.46 1.71
O1A UDP J . -4.97 -5.15 0.49
O2A UDP J . -5.78 -4.21 2.56
O3A UDP J . -4.99 -6.58 2.56
PB UDP J . -4.13 -7.85 2.11
O1B UDP J . -2.62 -7.59 2.17
O2B UDP J . -4.56 -8.07 0.68
O3B UDP J . -4.61 -9.05 3.00
N1 DCM K . 1.92 -14.26 -2.64
C2 DCM K . 2.22 -15.53 -3.14
N3 DCM K . 3.24 -16.23 -2.56
C4 DCM K . 3.91 -15.72 -1.50
C5 DCM K . 3.55 -14.47 -0.93
C6 DCM K . 2.56 -13.78 -1.51
O2 DCM K . 1.53 -16.01 -4.05
N4 DCM K . 4.96 -16.41 -1.05
C1' DCM K . 1.04 -13.38 -3.46
C2' DCM K . -0.39 -13.23 -2.94
C3' DCM K . -0.77 -11.87 -3.52
C4' DCM K . 0.54 -11.09 -3.41
O4' DCM K . 1.59 -12.07 -3.48
O3' DCM K . -1.10 -11.99 -4.91
C5' DCM K . 0.73 -10.23 -2.18
O5' DCM K . -0.49 -9.55 -1.80
P DCM K . -1.13 -9.78 -0.31
O1P DCM K . -0.39 -8.78 0.62
O2P DCM K . -0.82 -11.26 0.07
O3P DCM K . -2.60 -9.55 -0.34
N1 UDP L . 43.84 -34.18 -18.06
C2 UDP L . 44.99 -34.82 -18.50
N3 UDP L . 46.16 -34.15 -18.22
C4 UDP L . 46.29 -32.94 -17.57
C5 UDP L . 45.06 -32.35 -17.13
C6 UDP L . 43.90 -32.97 -17.38
O2 UDP L . 44.96 -35.87 -19.12
O4 UDP L . 47.41 -32.43 -17.46
C1' UDP L . 42.54 -34.79 -18.38
C2' UDP L . 41.85 -35.40 -17.17
O2' UDP L . 42.27 -36.74 -16.97
C3' UDP L . 40.37 -35.24 -17.53
C4' UDP L . 40.34 -34.00 -18.42
O4' UDP L . 41.69 -33.78 -18.87
O3' UDP L . 39.79 -36.36 -18.18
C5' UDP L . 39.80 -32.74 -17.81
O5' UDP L . 40.43 -32.47 -16.54
PA UDP L . 39.58 -32.13 -15.24
O1A UDP L . 40.57 -31.66 -14.15
O2A UDP L . 38.82 -33.32 -14.79
O3A UDP L . 38.58 -30.94 -15.60
PB UDP L . 38.10 -29.57 -14.92
O1B UDP L . 39.26 -28.60 -15.05
O2B UDP L . 37.56 -29.73 -13.49
O3B UDP L . 37.01 -28.97 -15.80
#